data_1IFL
# 
_entry.id   1IFL 
# 
_audit_conform.dict_name       mmcif_pdbx.dic 
_audit_conform.dict_version    5.386 
_audit_conform.dict_location   http://mmcif.pdb.org/dictionaries/ascii/mmcif_pdbx.dic 
# 
loop_
_database_2.database_id 
_database_2.database_code 
_database_2.pdbx_database_accession 
_database_2.pdbx_DOI 
PDB   1IFL         pdb_00001ifl 10.2210/pdb1ifl/pdb 
WWPDB D_1000174136 ?            ?                   
# 
loop_
_pdbx_audit_revision_history.ordinal 
_pdbx_audit_revision_history.data_content_type 
_pdbx_audit_revision_history.major_revision 
_pdbx_audit_revision_history.minor_revision 
_pdbx_audit_revision_history.revision_date 
1 'Structure model' 1 0 1994-07-31 
2 'Structure model' 1 1 2008-03-24 
3 'Structure model' 1 2 2011-07-13 
4 'Structure model' 1 3 2024-02-07 
# 
_pdbx_audit_revision_details.ordinal             1 
_pdbx_audit_revision_details.revision_ordinal    1 
_pdbx_audit_revision_details.data_content_type   'Structure model' 
_pdbx_audit_revision_details.provider            repository 
_pdbx_audit_revision_details.type                'Initial release' 
_pdbx_audit_revision_details.description         ? 
_pdbx_audit_revision_details.details             ? 
# 
loop_
_pdbx_audit_revision_group.ordinal 
_pdbx_audit_revision_group.revision_ordinal 
_pdbx_audit_revision_group.data_content_type 
_pdbx_audit_revision_group.group 
1 2 'Structure model' 'Version format compliance' 
2 3 'Structure model' 'Version format compliance' 
3 4 'Structure model' 'Data collection'           
4 4 'Structure model' 'Database references'       
5 4 'Structure model' 'Derived calculations'      
6 4 'Structure model' Other                       
# 
loop_
_pdbx_audit_revision_category.ordinal 
_pdbx_audit_revision_category.revision_ordinal 
_pdbx_audit_revision_category.data_content_type 
_pdbx_audit_revision_category.category 
1 4 'Structure model' chem_comp_atom        
2 4 'Structure model' chem_comp_bond        
3 4 'Structure model' database_2            
4 4 'Structure model' pdbx_database_status  
5 4 'Structure model' pdbx_struct_oper_list 
# 
loop_
_pdbx_audit_revision_item.ordinal 
_pdbx_audit_revision_item.revision_ordinal 
_pdbx_audit_revision_item.data_content_type 
_pdbx_audit_revision_item.item 
1 4 'Structure model' '_database_2.pdbx_DOI'                      
2 4 'Structure model' '_database_2.pdbx_database_accession'       
3 4 'Structure model' '_pdbx_database_status.process_site'        
4 4 'Structure model' '_pdbx_struct_oper_list.name'               
5 4 'Structure model' '_pdbx_struct_oper_list.symmetry_operation' 
6 4 'Structure model' '_pdbx_struct_oper_list.type'               
# 
_pdbx_database_status.status_code                     REL 
_pdbx_database_status.entry_id                        1IFL 
_pdbx_database_status.recvd_initial_deposition_date   1994-01-31 
_pdbx_database_status.deposit_site                    ? 
_pdbx_database_status.process_site                    BNL 
_pdbx_database_status.SG_entry                        . 
_pdbx_database_status.pdb_format_compatible           Y 
_pdbx_database_status.status_code_mr                  ? 
_pdbx_database_status.status_code_sf                  ? 
_pdbx_database_status.status_code_cs                  ? 
_pdbx_database_status.status_code_nmr_data            ? 
_pdbx_database_status.methods_development_category    ? 
# 
loop_
_pdbx_database_related.db_name 
_pdbx_database_related.db_id 
_pdbx_database_related.details 
_pdbx_database_related.content_type 
PDB 1IFD . unspecified 
PDB 1IFM . unspecified 
PDB 2IFM . unspecified 
PDB 3IFM . unspecified 
PDB 4IFM . unspecified 
PDB 1IFI . unspecified 
PDB 1IFJ . unspecified 
PDB 1IFK . unspecified 
PDB 1IFN . unspecified 
PDB 2IFO . unspecified 
# 
_audit_author.name           'Marvin, D.A.' 
_audit_author.pdbx_ordinal   1 
# 
loop_
_citation.id 
_citation.title 
_citation.journal_abbrev 
_citation.journal_volume 
_citation.page_first 
_citation.page_last 
_citation.year 
_citation.journal_id_ASTM 
_citation.country 
_citation.journal_id_ISSN 
_citation.journal_id_CSD 
_citation.book_publisher 
_citation.pdbx_database_id_PubMed 
_citation.pdbx_database_id_DOI 
primary 
'Molecular models and structural comparisons of native and mutant class I filamentous bacteriophages Ff (fd, f1, M13), If1 and IKe.' 
J.Mol.Biol.          235 260 286 1994 JMOBAK UK 0022-2836 0070 ? 8289247 '10.1016/S0022-2836(05)80032-4' 
1       'Model-Building Studies of Inovirus: Genetic Variations on a Geometric Theme' Int.J.Biol.Macromol. 12  125 ?   1990 IJBMDR 
UK 0141-8130 0708 ? ?       ?                               
2       'Dynamics of Telescoping Inovirus: A Mechanism for Assembly at Membrane Adhesions' Int.J.Biol.Macromol. 11  159 ?   1989 
IJBMDR UK 0141-8130 0708 ? ?       ?                               
3       'Filamentous Bacterial Viruses Xii. Molecular Architecture of the Class I (Fd, If1, Ike) Virion' J.Mol.Biol.          88  
581 ?   1974 JMOBAK UK 0022-2836 0070 ? ?       ?                               
# 
loop_
_citation_author.citation_id 
_citation_author.name 
_citation_author.ordinal 
_citation_author.identifier_ORCID 
primary 'Marvin, D.A.'         1  ? 
primary 'Hale, R.D.'           2  ? 
primary 'Nave, C.'             3  ? 
primary 'Helmer-Citterich, M.' 4  ? 
1       'Marvin, D.A.'         5  ? 
2       'Marvin, D.A.'         6  ? 
3       'Marvin, D.A.'         7  ? 
3       'Pigram, W.J.'         8  ? 
3       'Wiseman, R.L.'        9  ? 
3       'Wachtel, E.J.'        10 ? 
3       'Marvin, F.J.'         11 ? 
# 
_entity.id                         1 
_entity.type                       polymer 
_entity.src_method                 man 
_entity.pdbx_description           INOVIRUS 
_entity.formula_weight             5700.578 
_entity.pdbx_number_of_molecules   1 
_entity.pdbx_ec                    ? 
_entity.pdbx_mutation              ? 
_entity.pdbx_fragment              ? 
_entity.details                    ? 
# 
_entity_poly.entity_id                      1 
_entity_poly.type                           'polypeptide(L)' 
_entity_poly.nstd_linkage                   no 
_entity_poly.nstd_monomer                   no 
_entity_poly.pdbx_seq_one_letter_code       AEPNAATNYATEAMDSLKTQAIDLISQTWPVVTTVVVAGLVIRLFKKFSSKAV 
_entity_poly.pdbx_seq_one_letter_code_can   AEPNAATNYATEAMDSLKTQAIDLISQTWPVVTTVVVAGLVIRLFKKFSSKAV 
_entity_poly.pdbx_strand_id                 A 
_entity_poly.pdbx_target_identifier         ? 
# 
loop_
_entity_poly_seq.entity_id 
_entity_poly_seq.num 
_entity_poly_seq.mon_id 
_entity_poly_seq.hetero 
1 1  ALA n 
1 2  GLU n 
1 3  PRO n 
1 4  ASN n 
1 5  ALA n 
1 6  ALA n 
1 7  THR n 
1 8  ASN n 
1 9  TYR n 
1 10 ALA n 
1 11 THR n 
1 12 GLU n 
1 13 ALA n 
1 14 MET n 
1 15 ASP n 
1 16 SER n 
1 17 LEU n 
1 18 LYS n 
1 19 THR n 
1 20 GLN n 
1 21 ALA n 
1 22 ILE n 
1 23 ASP n 
1 24 LEU n 
1 25 ILE n 
1 26 SER n 
1 27 GLN n 
1 28 THR n 
1 29 TRP n 
1 30 PRO n 
1 31 VAL n 
1 32 VAL n 
1 33 THR n 
1 34 THR n 
1 35 VAL n 
1 36 VAL n 
1 37 VAL n 
1 38 ALA n 
1 39 GLY n 
1 40 LEU n 
1 41 VAL n 
1 42 ILE n 
1 43 ARG n 
1 44 LEU n 
1 45 PHE n 
1 46 LYS n 
1 47 LYS n 
1 48 PHE n 
1 49 SER n 
1 50 SER n 
1 51 LYS n 
1 52 ALA n 
1 53 VAL n 
# 
_entity_src_gen.entity_id                          1 
_entity_src_gen.pdbx_src_id                        1 
_entity_src_gen.pdbx_alt_source_flag               sample 
_entity_src_gen.pdbx_seq_type                      ? 
_entity_src_gen.pdbx_beg_seq_num                   ? 
_entity_src_gen.pdbx_end_seq_num                   ? 
_entity_src_gen.gene_src_common_name               ? 
_entity_src_gen.gene_src_genus                     Inovirus 
_entity_src_gen.pdbx_gene_src_gene                 ? 
_entity_src_gen.gene_src_species                   ? 
_entity_src_gen.gene_src_strain                    'IKE MAJOR' 
_entity_src_gen.gene_src_tissue                    ? 
_entity_src_gen.gene_src_tissue_fraction           ? 
_entity_src_gen.gene_src_details                   ? 
_entity_src_gen.pdbx_gene_src_fragment             ? 
_entity_src_gen.pdbx_gene_src_scientific_name      'Enterobacteria phage Ike' 
_entity_src_gen.pdbx_gene_src_ncbi_taxonomy_id     10867 
_entity_src_gen.pdbx_gene_src_variant              ? 
_entity_src_gen.pdbx_gene_src_cell_line            ? 
_entity_src_gen.pdbx_gene_src_atcc                 ? 
_entity_src_gen.pdbx_gene_src_organ                ? 
_entity_src_gen.pdbx_gene_src_organelle            ? 
_entity_src_gen.pdbx_gene_src_cell                 ? 
_entity_src_gen.pdbx_gene_src_cellular_location    ? 
_entity_src_gen.host_org_common_name               ? 
_entity_src_gen.pdbx_host_org_scientific_name      ? 
_entity_src_gen.pdbx_host_org_ncbi_taxonomy_id     ? 
_entity_src_gen.host_org_genus                     ? 
_entity_src_gen.pdbx_host_org_gene                 ? 
_entity_src_gen.pdbx_host_org_organ                ? 
_entity_src_gen.host_org_species                   ? 
_entity_src_gen.pdbx_host_org_tissue               ? 
_entity_src_gen.pdbx_host_org_tissue_fraction      ? 
_entity_src_gen.pdbx_host_org_strain               ? 
_entity_src_gen.pdbx_host_org_variant              ? 
_entity_src_gen.pdbx_host_org_cell_line            ? 
_entity_src_gen.pdbx_host_org_atcc                 ? 
_entity_src_gen.pdbx_host_org_culture_collection   ? 
_entity_src_gen.pdbx_host_org_cell                 ? 
_entity_src_gen.pdbx_host_org_organelle            ? 
_entity_src_gen.pdbx_host_org_cellular_location    ? 
_entity_src_gen.pdbx_host_org_vector_type          BACTERIAL 
_entity_src_gen.pdbx_host_org_vector               ? 
_entity_src_gen.host_org_details                   ? 
_entity_src_gen.expression_system_id               ? 
_entity_src_gen.plasmid_name                       ? 
_entity_src_gen.plasmid_details                    ? 
_entity_src_gen.pdbx_description                   ? 
# 
loop_
_chem_comp.id 
_chem_comp.type 
_chem_comp.mon_nstd_flag 
_chem_comp.name 
_chem_comp.pdbx_synonyms 
_chem_comp.formula 
_chem_comp.formula_weight 
ALA 'L-peptide linking' y ALANINE         ? 'C3 H7 N O2'     89.093  
ARG 'L-peptide linking' y ARGININE        ? 'C6 H15 N4 O2 1' 175.209 
ASN 'L-peptide linking' y ASPARAGINE      ? 'C4 H8 N2 O3'    132.118 
ASP 'L-peptide linking' y 'ASPARTIC ACID' ? 'C4 H7 N O4'     133.103 
GLN 'L-peptide linking' y GLUTAMINE       ? 'C5 H10 N2 O3'   146.144 
GLU 'L-peptide linking' y 'GLUTAMIC ACID' ? 'C5 H9 N O4'     147.129 
GLY 'peptide linking'   y GLYCINE         ? 'C2 H5 N O2'     75.067  
ILE 'L-peptide linking' y ISOLEUCINE      ? 'C6 H13 N O2'    131.173 
LEU 'L-peptide linking' y LEUCINE         ? 'C6 H13 N O2'    131.173 
LYS 'L-peptide linking' y LYSINE          ? 'C6 H15 N2 O2 1' 147.195 
MET 'L-peptide linking' y METHIONINE      ? 'C5 H11 N O2 S'  149.211 
PHE 'L-peptide linking' y PHENYLALANINE   ? 'C9 H11 N O2'    165.189 
PRO 'L-peptide linking' y PROLINE         ? 'C5 H9 N O2'     115.130 
SER 'L-peptide linking' y SERINE          ? 'C3 H7 N O3'     105.093 
THR 'L-peptide linking' y THREONINE       ? 'C4 H9 N O3'     119.119 
TRP 'L-peptide linking' y TRYPTOPHAN      ? 'C11 H12 N2 O2'  204.225 
TYR 'L-peptide linking' y TYROSINE        ? 'C9 H11 N O3'    181.189 
VAL 'L-peptide linking' y VALINE          ? 'C5 H11 N O2'    117.146 
# 
loop_
_pdbx_poly_seq_scheme.asym_id 
_pdbx_poly_seq_scheme.entity_id 
_pdbx_poly_seq_scheme.seq_id 
_pdbx_poly_seq_scheme.mon_id 
_pdbx_poly_seq_scheme.ndb_seq_num 
_pdbx_poly_seq_scheme.pdb_seq_num 
_pdbx_poly_seq_scheme.auth_seq_num 
_pdbx_poly_seq_scheme.pdb_mon_id 
_pdbx_poly_seq_scheme.auth_mon_id 
_pdbx_poly_seq_scheme.pdb_strand_id 
_pdbx_poly_seq_scheme.pdb_ins_code 
_pdbx_poly_seq_scheme.hetero 
A 1 1  ALA 1  1  1  ALA ALA A . n 
A 1 2  GLU 2  2  2  GLU GLU A . n 
A 1 3  PRO 3  3  3  PRO PRO A . n 
A 1 4  ASN 4  4  4  ASN ASN A . n 
A 1 5  ALA 5  5  5  ALA ALA A . n 
A 1 6  ALA 6  6  6  ALA ALA A . n 
A 1 7  THR 7  7  7  THR THR A . n 
A 1 8  ASN 8  8  8  ASN ASN A . n 
A 1 9  TYR 9  9  9  TYR TYR A . n 
A 1 10 ALA 10 10 10 ALA ALA A . n 
A 1 11 THR 11 11 11 THR THR A . n 
A 1 12 GLU 12 12 12 GLU GLU A . n 
A 1 13 ALA 13 13 13 ALA ALA A . n 
A 1 14 MET 14 14 14 MET MET A . n 
A 1 15 ASP 15 15 15 ASP ASP A . n 
A 1 16 SER 16 16 16 SER SER A . n 
A 1 17 LEU 17 17 17 LEU LEU A . n 
A 1 18 LYS 18 18 18 LYS LYS A . n 
A 1 19 THR 19 19 19 THR THR A . n 
A 1 20 GLN 20 20 20 GLN GLN A . n 
A 1 21 ALA 21 21 21 ALA ALA A . n 
A 1 22 ILE 22 22 22 ILE ILE A . n 
A 1 23 ASP 23 23 23 ASP ASP A . n 
A 1 24 LEU 24 24 24 LEU LEU A . n 
A 1 25 ILE 25 25 25 ILE ILE A . n 
A 1 26 SER 26 26 26 SER SER A . n 
A 1 27 GLN 27 27 27 GLN GLN A . n 
A 1 28 THR 28 28 28 THR THR A . n 
A 1 29 TRP 29 29 29 TRP TRP A . n 
A 1 30 PRO 30 30 30 PRO PRO A . n 
A 1 31 VAL 31 31 31 VAL VAL A . n 
A 1 32 VAL 32 32 32 VAL VAL A . n 
A 1 33 THR 33 33 33 THR THR A . n 
A 1 34 THR 34 34 34 THR THR A . n 
A 1 35 VAL 35 35 35 VAL VAL A . n 
A 1 36 VAL 36 36 36 VAL VAL A . n 
A 1 37 VAL 37 37 37 VAL VAL A . n 
A 1 38 ALA 38 38 38 ALA ALA A . n 
A 1 39 GLY 39 39 39 GLY GLY A . n 
A 1 40 LEU 40 40 40 LEU LEU A . n 
A 1 41 VAL 41 41 41 VAL VAL A . n 
A 1 42 ILE 42 42 42 ILE ILE A . n 
A 1 43 ARG 43 43 43 ARG ARG A . n 
A 1 44 LEU 44 44 44 LEU LEU A . n 
A 1 45 PHE 45 45 45 PHE PHE A . n 
A 1 46 LYS 46 46 46 LYS LYS A . n 
A 1 47 LYS 47 47 47 LYS LYS A . n 
A 1 48 PHE 48 48 48 PHE PHE A . n 
A 1 49 SER 49 49 49 SER SER A . n 
A 1 50 SER 50 50 50 SER SER A . n 
A 1 51 LYS 51 51 51 LYS LYS A . n 
A 1 52 ALA 52 52 52 ALA ALA A . n 
A 1 53 VAL 53 53 53 VAL VAL A . n 
# 
_software.name             EREF 
_software.classification   refinement 
_software.version          . 
_software.citation_id      ? 
_software.pdbx_ordinal     1 
# 
_cell.entry_id           1IFL 
_cell.length_a           1.000 
_cell.length_b           1.000 
_cell.length_c           1.000 
_cell.angle_alpha        90.00 
_cell.angle_beta         90.00 
_cell.angle_gamma        90.00 
_cell.Z_PDB              1 
_cell.pdbx_unique_axis   ? 
# 
_symmetry.entry_id                         1IFL 
_symmetry.space_group_name_H-M             'P 1' 
_symmetry.pdbx_full_space_group_name_H-M   ? 
_symmetry.cell_setting                     ? 
_symmetry.Int_Tables_number                1 
# 
_exptl.entry_id          1IFL 
_exptl.method            'FIBER DIFFRACTION' 
_exptl.crystals_number   ? 
# 
_exptl_crystal.id                    1 
_exptl_crystal.density_meas          ? 
_exptl_crystal.density_Matthews      ? 
_exptl_crystal.density_percent_sol   ? 
_exptl_crystal.description           ? 
# 
_diffrn.id                     1 
_diffrn.ambient_temp           ? 
_diffrn.ambient_temp_details   ? 
_diffrn.crystal_id             1 
# 
_diffrn_radiation.diffrn_id                        1 
_diffrn_radiation.wavelength_id                    1 
_diffrn_radiation.pdbx_monochromatic_or_laue_m_l   ? 
_diffrn_radiation.monochromator                    ? 
_diffrn_radiation.pdbx_diffrn_protocol             ? 
_diffrn_radiation.pdbx_scattering_type             ? 
# 
_diffrn_radiation_wavelength.id           1 
_diffrn_radiation_wavelength.wavelength   . 
_diffrn_radiation_wavelength.wt           1.0 
# 
_refine.entry_id                                 1IFL 
_refine.ls_number_reflns_obs                     ? 
_refine.ls_number_reflns_all                     ? 
_refine.pdbx_ls_sigma_I                          ? 
_refine.pdbx_ls_sigma_F                          ? 
_refine.pdbx_data_cutoff_high_absF               ? 
_refine.pdbx_data_cutoff_low_absF                ? 
_refine.pdbx_data_cutoff_high_rms_absF           ? 
_refine.ls_d_res_low                             ? 
_refine.ls_d_res_high                            5.0 
_refine.ls_percent_reflns_obs                    ? 
_refine.ls_R_factor_obs                          ? 
_refine.ls_R_factor_all                          ? 
_refine.ls_R_factor_R_work                       ? 
_refine.ls_R_factor_R_free                       ? 
_refine.ls_R_factor_R_free_error                 ? 
_refine.ls_R_factor_R_free_error_details         ? 
_refine.ls_percent_reflns_R_free                 ? 
_refine.ls_number_reflns_R_free                  ? 
_refine.ls_number_parameters                     ? 
_refine.ls_number_restraints                     ? 
_refine.occupancy_min                            ? 
_refine.occupancy_max                            ? 
_refine.B_iso_mean                               ? 
_refine.aniso_B[1][1]                            ? 
_refine.aniso_B[2][2]                            ? 
_refine.aniso_B[3][3]                            ? 
_refine.aniso_B[1][2]                            ? 
_refine.aniso_B[1][3]                            ? 
_refine.aniso_B[2][3]                            ? 
_refine.solvent_model_details                    ? 
_refine.solvent_model_param_ksol                 ? 
_refine.solvent_model_param_bsol                 ? 
_refine.pdbx_ls_cross_valid_method               ? 
_refine.details                                  
;THE TEMPERATURE FACTOR WAS NOT REFINED AND IS GIVEN THE
ARBITRARY VALUE OF 10.
;
_refine.pdbx_starting_model                      ? 
_refine.pdbx_method_to_determine_struct          ? 
_refine.pdbx_isotropic_thermal_model             ? 
_refine.pdbx_stereochemistry_target_values       ? 
_refine.pdbx_stereochem_target_val_spec_case     ? 
_refine.pdbx_R_Free_selection_details            ? 
_refine.pdbx_overall_ESU_R                       ? 
_refine.pdbx_overall_ESU_R_Free                  ? 
_refine.overall_SU_ML                            ? 
_refine.overall_SU_B                             ? 
_refine.pdbx_refine_id                           'FIBER DIFFRACTION' 
_refine.pdbx_diffrn_id                           1 
_refine.pdbx_TLS_residual_ADP_flag               ? 
_refine.correlation_coeff_Fo_to_Fc               ? 
_refine.correlation_coeff_Fo_to_Fc_free          ? 
_refine.pdbx_solvent_vdw_probe_radii             ? 
_refine.pdbx_solvent_ion_probe_radii             ? 
_refine.pdbx_solvent_shrinkage_radii             ? 
_refine.pdbx_overall_phase_error                 ? 
_refine.overall_SU_R_Cruickshank_DPI             ? 
_refine.pdbx_overall_SU_R_free_Cruickshank_DPI   ? 
_refine.pdbx_overall_SU_R_Blow_DPI               ? 
_refine.pdbx_overall_SU_R_free_Blow_DPI          ? 
# 
_refine_hist.pdbx_refine_id                   'FIBER DIFFRACTION' 
_refine_hist.cycle_id                         LAST 
_refine_hist.pdbx_number_atoms_protein        401 
_refine_hist.pdbx_number_atoms_nucleic_acid   0 
_refine_hist.pdbx_number_atoms_ligand         0 
_refine_hist.number_atoms_solvent             0 
_refine_hist.number_atoms_total               401 
_refine_hist.d_res_high                       5.0 
_refine_hist.d_res_low                        . 
# 
_struct.entry_id                  1IFL 
_struct.title                     
'MOLECULAR MODELS AND STRUCTURAL COMPARISONS OF NATIVE AND MUTANT CLASS I FILAMENTOUS BACTERIOPHAGES FF (FD, F1, M13), IF1 AND IKE' 
_struct.pdbx_model_details        ? 
_struct.pdbx_CASP_flag            ? 
_struct.pdbx_model_type_details   ? 
# 
_struct_keywords.entry_id        1IFL 
_struct_keywords.pdbx_keywords   VIRUS 
_struct_keywords.text            'VIRUS, Helical virus' 
# 
_struct_asym.id                            A 
_struct_asym.pdbx_blank_PDB_chainid_flag   Y 
_struct_asym.pdbx_modified                 N 
_struct_asym.entity_id                     1 
_struct_asym.details                       ? 
# 
_struct_ref.id                         1 
_struct_ref.db_name                    UNP 
_struct_ref.db_code                    COATB_BPIKE 
_struct_ref.entity_id                  1 
_struct_ref.pdbx_db_accession          P03620 
_struct_ref.pdbx_align_begin           1 
_struct_ref.pdbx_seq_one_letter_code   
;MRVLSTVLAAKNKIALGAATMLVSAGSFAAEPNAATNYATEAMDSLKTQAIDLISQTWPVVTTVVVAGLVIRLFKKFSSK
AV
;
_struct_ref.pdbx_db_isoform            ? 
# 
_struct_ref_seq.align_id                      1 
_struct_ref_seq.ref_id                        1 
_struct_ref_seq.pdbx_PDB_id_code              1IFL 
_struct_ref_seq.pdbx_strand_id                A 
_struct_ref_seq.seq_align_beg                 1 
_struct_ref_seq.pdbx_seq_align_beg_ins_code   ? 
_struct_ref_seq.seq_align_end                 53 
_struct_ref_seq.pdbx_seq_align_end_ins_code   ? 
_struct_ref_seq.pdbx_db_accession             P03620 
_struct_ref_seq.db_align_beg                  30 
_struct_ref_seq.pdbx_db_align_beg_ins_code    ? 
_struct_ref_seq.db_align_end                  82 
_struct_ref_seq.pdbx_db_align_end_ins_code    ? 
_struct_ref_seq.pdbx_auth_seq_align_beg       1 
_struct_ref_seq.pdbx_auth_seq_align_end       53 
# 
loop_
_pdbx_struct_assembly.id 
_pdbx_struct_assembly.details 
_pdbx_struct_assembly.method_details 
_pdbx_struct_assembly.oligomeric_details 
_pdbx_struct_assembly.oligomeric_count 
1 'representative helical assembly'            ? helical   55 
2 'helical asymmetric unit'                    ? monomeric 1  
3 'helical asymmetric unit, std helical frame' ? monomeric 1  
# 
loop_
_pdbx_struct_assembly_gen.assembly_id 
_pdbx_struct_assembly_gen.oper_expression 
_pdbx_struct_assembly_gen.asym_id_list 
1 '(1-55)' A 
2 1        A 
3 H        A 
# 
loop_
_pdbx_struct_oper_list.id 
_pdbx_struct_oper_list.type 
_pdbx_struct_oper_list.name 
_pdbx_struct_oper_list.symmetry_operation 
_pdbx_struct_oper_list.matrix[1][1] 
_pdbx_struct_oper_list.matrix[1][2] 
_pdbx_struct_oper_list.matrix[1][3] 
_pdbx_struct_oper_list.vector[1] 
_pdbx_struct_oper_list.matrix[2][1] 
_pdbx_struct_oper_list.matrix[2][2] 
_pdbx_struct_oper_list.matrix[2][3] 
_pdbx_struct_oper_list.vector[2] 
_pdbx_struct_oper_list.matrix[3][1] 
_pdbx_struct_oper_list.matrix[3][2] 
_pdbx_struct_oper_list.matrix[3][3] 
_pdbx_struct_oper_list.vector[3] 
H  'identity operation'         1_555 x,y,z 1.00000000  0.00000000  0.00000000  0.00000   0.00000000  1.00000000  0.00000000  0.00000   0.00000000  0.00000000  1.00000000  0.00000   
1  'helical symmetry operation' ?     ?     -0.48156750 0.81294821  0.32742625  7.40892   0.57109890  0.00769595  0.82084518  63.94299  0.66478476  0.58228514  -0.46797995 61.86393  
2  'helical symmetry operation' ?     ?     -0.14838757 0.10730307  0.98309063  10.90403  0.96549482  0.23084866  0.12053483  75.77982  -0.21401140 0.96705478  -0.13785563 41.90503  
3  'helical symmetry operation' ?     ?     0.73298524  -0.26140089 0.62801449  31.04653  0.51084009  0.82116250  -0.25442985 68.29996  -0.44919376 0.50730830  0.73543405  32.47022  
4  'helical symmetry operation' ?     ?     0.94452366  0.21637267  -0.24709901 40.00017  -0.16454792 0.96284382  0.21413960  51.84032  0.28425171  -0.16160029 0.94503244  46.59810  
5  'helical symmetry operation' ?     ?     0.19388878  0.88035693  -0.43287276 25.39133  -0.12730592 0.46009384  0.87869612  49.14757  0.97272830  -0.11526206 0.20128168  64.76441  
6  'helical symmetry operation' ?     ?     -0.26360935 0.96014609  -0.09289567 6.15151   0.22028941  0.15367699  0.96325280  44.64576  0.93913933  0.23345851  -0.25202070 58.34880  
7  'helical symmetry operation' ?     ?     -0.43343635 0.45669336  0.77689388  -1.90875  0.88239071  0.03993258  0.46881983  60.96454  0.18308353  0.88872750  -0.42029021 43.53617  
8  'helical symmetry operation' ?     ?     0.33885726  -0.19266369 0.92089981  13.36739  0.81028841  0.55718884  -0.18158550 62.86005  -0.47813017 0.80772600  0.34492064  25.82372  
9  'helical symmetry operation' ?     ?     0.98598796  -0.09053571 0.14011082  30.86882  0.10362544  0.99061520  -0.08912513 47.71276  -0.13072691 0.10239534  0.98611646  29.68945  
10 'helical symmetry operation' ?     ?     0.61364312  0.62193992  -0.48644924 26.40916  -0.26101399 0.74123116  0.61842385  36.45571  0.74519382  -0.25252148 0.61718642  49.79106  
11 'helical symmetry operation' ?     ?     0.12176245  0.90816371  -0.40051539 7.78063   -0.08773390 0.41178605  0.90704741  27.27220  0.98867420  -0.07530554 0.12981682  49.30303  
12 'helical symmetry operation' ?     ?     -0.49553042 0.77155511  0.39893900  -9.19892  0.62553584  -0.00165594 0.78019367  42.73596  0.60262303  0.63616034  -0.48181481 44.48107  
13 'helical symmetry operation' ?     ?     -0.08489079 0.05391394  0.99493057  -3.78513  0.95956669  0.27337667  0.06705951  53.38693  -0.26837536 0.96039496  -0.07494118 24.28375  
14 'helical symmetry operation' ?     ?     0.78619133  -0.25300409 0.56381924  16.54033  0.45273935  0.85679815  -0.24682790 44.50583  -0.42063081 0.44931711  0.78815218  16.62306  
15 'helical symmetry operation' ?     ?     0.91391005  0.27495130  -0.29861380 23.68837  -0.19452800 0.94233985  0.27231318  28.36604  0.35626855  -0.19078100 0.91469958  32.08583  
16 'helical symmetry operation' ?     ?     0.54851397  0.67400166  -0.49482743 9.15611   -0.25223354 0.69760985  0.67061072  13.81704  0.79718923  -0.24302727 0.55265458  35.04164  
17 'helical symmetry operation' ?     ?     -0.31436221 0.94891434  -0.02716577 -11.18966 0.27893334  0.11968443  0.95282308  23.36842  0.90739881  0.29195413  -0.30230811 41.78736  
18 'helical symmetry operation' ?     ?     -0.39967420 0.39769002  0.82589538  -17.40878 0.90985420  0.06254533  0.41018705  39.29150  0.11147140  0.91538556  -0.38683770 25.71059  
19 'helical symmetry operation' ?     ?     0.41047627  -0.21789802 0.88545450  -0.90662  0.76861785  0.60515685  -0.20739283 39.58112  -0.49064837 0.76570597  0.41588283  9.02888   
20 'helical symmetry operation' ?     ?     0.99648879  -0.04712803 0.06920292  15.51138  0.05040813  0.99764831  -0.04644215 23.83703  -0.06685145 0.04976748  0.99652099  14.79579  
21 'helical symmetry operation' ?     ?     0.87707826  0.33424146  -0.34498750 7.22071   -0.21941073 0.91767116  0.33126815  4.99348   0.42730863  -0.21485413 0.87820558  17.58542  
22 'helical symmetry operation' ?     ?     0.05081812  0.93076660  -0.36206498 -9.83730  -0.04406219 0.36426992  0.93025048  5.50876   0.99773546  -0.03132020 0.05952312  33.69266  
23 'helical symmetry operation' ?     ?     -0.50254464 0.72623430  0.46907636  -25.65539 0.67740917  -0.00635382 0.73557898  21.49639  0.53718312  0.68741790  -0.48876470 26.99428  
24 'helical symmetry operation' ?     ?     -0.01828147 0.00330125  0.99982743  -18.37349 0.94795445  0.31798934  0.01628305  30.86200  -0.31788071 0.94808854  -0.00894275 6.74721   
25 'helical symmetry operation' ?     ?     0.83437237  -0.23896365 0.49670830  1.94506   0.39368927  0.88906819  -0.23359479 20.66264  -0.38578689 0.39045376  0.83589135  0.93222   
26 'identity operation'         1_555 x,y,z 1.00000000  0.00000000  0.00000000  0.00000   0.00000000  1.00000000  0.00000000  0.00000   0.00000000  0.00000000  1.00000000  0.00000   
27 'helical symmetry operation' ?     ?     0.48058014  0.72304703  -0.49623152 -8.19151  -0.23781666 0.65211006  0.71985811  -8.68934  0.84408884  -0.22793740 0.48534378  20.20096  
28 'helical symmetry operation' ?     ?     -0.35985883 0.93209801  0.04116938  -28.43534 0.33825159  0.08921233  0.93681749  2.13416   0.86953291  0.35104766  -0.34738748 25.07164  
29 'helical symmetry operation' ?     ?     -0.35985883 0.33825159  0.86953291  -32.75521 0.93209801  0.08921233  0.35104766  17.51279  0.04116938  0.93681749  -0.34738748 7.88092   
30 'helical symmetry operation' ?     ?     0.48058014  -0.23781666 0.84408884  -15.18120 0.72304703  0.65211006  -0.22793740 16.19381  -0.49623152 0.71985811  0.48534378  -7.61421  
31 'helical symmetry operation' ?     ?     0.87707826  -0.21941073 0.42730863  -12.75191 0.33424146  0.91767116  -0.21485413 -3.21753  -0.34498750 0.33126815  0.87820558  -14.60674 
32 'helical symmetry operation' ?     ?     0.83437237  0.39368927  -0.38578689 -9.39792  -0.23896365 0.88906819  0.39045376  -18.26969 0.49670830  -0.23359479 0.83589135  3.08132   
33 'helical symmetry operation' ?     ?     -0.01828147 0.94795445  -0.31788071 -27.44686 0.00330125  0.31798934  0.94808854  -16.15009 0.99982743  0.01628305  -0.00894275 17.92813  
34 'helical symmetry operation' ?     ?     -0.50254464 0.67740917  0.53718312  -41.95570 0.72623430  -0.00635382 0.68741790  0.21206   0.46907636  0.73557898  -0.48876470 9.41589   
35 'helical symmetry operation' ?     ?     0.05081812  -0.04406219 0.99773546  -32.87372 0.93076660  0.36426992  -0.03132020 8.20482   -0.36206498 0.93025048  0.05952312  -10.69176 
36 'helical symmetry operation' ?     ?     0.54851397  -0.25223354 0.79718923  -29.47196 0.67400166  0.69760985  -0.24302727 -7.29406  -0.49482743 0.67061072  0.55265458  -24.10108 
37 'helical symmetry operation' ?     ?     0.99648879  0.05040813  -0.06685145 -15.66938 -0.04712803 0.99764831  0.04976748  -23.78630 0.06920292  -0.04644215 0.99652099  -14.71070 
38 'helical symmetry operation' ?     ?     0.41047627  0.76861785  -0.49064837 -25.62060 -0.21789802 0.60515685  0.76570597  -31.06381 0.88545450  -0.20739283 0.41588283  5.25665   
39 'helical symmetry operation' ?     ?     -0.39967420 0.90985420  0.11147140  -45.57337 0.39769002  0.06254533  0.91538556  -19.06931 0.82589538  0.41018705  -0.38683770 8.20679   
40 'helical symmetry operation' ?     ?     -0.31436221 0.27893334  0.90739881  -47.95364 0.94891434  0.11968443  0.29195413  -4.37880  -0.02716577 0.95282308  -0.30230811 -9.93729  
41 'helical symmetry operation' ?     ?     0.12176245  -0.08773390 0.98867420  -47.29932 0.90816371  0.41178605  -0.07530554 -14.58361 -0.40051539 0.90704741  0.12981682  -28.02128 
42 'helical symmetry operation' ?     ?     0.91391005  -0.19452800 0.35626855  -27.56222 0.27495130  0.94233985  -0.19078100 -27.12224 -0.29861380 0.27231318  0.91469958  -29.99967 
43 'helical symmetry operation' ?     ?     0.78619133  0.45273935  -0.42063081 -26.16124 -0.25300409 0.85679815  0.44931711  -41.41677 0.56381924  -0.24682790 0.78815218  -11.44198 
44 'helical symmetry operation' ?     ?     -0.08489079 0.95956669  -0.26837536 -45.03248 0.05391394  0.27337667  0.96039496  -37.71266 0.99493057  0.06705951  -0.07494118 2.00569   
45 'helical symmetry operation' ?     ?     -0.49553042 0.62553584  0.60262303  -58.09654 0.77155511  -0.00165594 0.63616034  -21.12885 0.39893900  0.78019367  -0.48181481 -8.24088  
46 'helical symmetry operation' ?     ?     -0.26360935 0.22028941  0.93913933  -63.01105 0.96014609  0.15367699  0.23345851  -26.38940 -0.09289567 0.96325280  -0.25202070 -27.72860 
47 'helical symmetry operation' ?     ?     0.61364312  -0.26101399 0.74519382  -43.79434 0.62193992  0.74123116  -0.25252148 -30.87371 -0.48644924 0.61842385  0.61718642  -40.42873 
48 'helical symmetry operation' ?     ?     0.98598796  0.10362544  -0.13072691 -31.49933 -0.09053571 0.99061520  0.10239534  -47.51032 0.14011082  -0.08912513 0.98611646  -29.34991 
49 'helical symmetry operation' ?     ?     0.33885726  0.81028841  -0.47813017 -43.11731 -0.19266369 0.55718884  0.80772600  -53.30800 0.92089981  -0.18158550 0.34492064  -9.80269  
50 'helical symmetry operation' ?     ?     -0.43343635 0.88239071  0.18308353  -62.59262 0.45669336  0.03993258  0.88872750  -40.25455 0.77689388  0.46881983  -0.42029021 -8.80066  
51 'helical symmetry operation' ?     ?     -0.48156750 0.57109890  0.66478476  -74.07608 0.81294821  0.00769595  0.58228514  -42.53762 0.32742625  0.82084518  -0.46797995 -25.96209 
52 'helical symmetry operation' ?     ?     0.19388878  -0.12730592 0.97272830  -61.66449 0.88035693  0.46009384  -0.11526206 -37.50104 -0.43287276 0.87869612  0.20128168  -45.23045 
53 'helical symmetry operation' ?     ?     0.94452366  -0.16454792 0.28425171  -42.49648 0.21637267  0.96284382  -0.16160029 -51.03881 -0.24709901 0.21413960  0.94503244  -45.25378 
54 'helical symmetry operation' ?     ?     0.73298524  0.51084009  -0.44919376 -43.06159 -0.26140089 0.82116250  0.50730830  -64.44219 0.62801449  -0.25442985 0.73543405  -25.99983 
55 'helical symmetry operation' ?     ?     -0.14838757 0.96549482  -0.21401140 -62.57885 0.10730307  0.23084866  0.96705478  -59.18816 0.98309063  0.12053483  -0.13785563 -14.07691  
# 
_struct_biol.id   1 
# 
_struct_conf.conf_type_id            HELX_P 
_struct_conf.id                      HELX_P1 
_struct_conf.pdbx_PDB_helix_id       A 
_struct_conf.beg_label_comp_id       ALA 
_struct_conf.beg_label_asym_id       A 
_struct_conf.beg_label_seq_id        1 
_struct_conf.pdbx_beg_PDB_ins_code   ? 
_struct_conf.end_label_comp_id       VAL 
_struct_conf.end_label_asym_id       A 
_struct_conf.end_label_seq_id        53 
_struct_conf.pdbx_end_PDB_ins_code   ? 
_struct_conf.beg_auth_comp_id        ALA 
_struct_conf.beg_auth_asym_id        A 
_struct_conf.beg_auth_seq_id         1 
_struct_conf.end_auth_comp_id        VAL 
_struct_conf.end_auth_asym_id        A 
_struct_conf.end_auth_seq_id         53 
_struct_conf.pdbx_PDB_helix_class    1 
_struct_conf.details                 ? 
_struct_conf.pdbx_PDB_helix_length   53 
# 
_struct_conf_type.id          HELX_P 
_struct_conf_type.criteria    ? 
_struct_conf_type.reference   ? 
# 
loop_
_pdbx_validate_rmsd_bond.id 
_pdbx_validate_rmsd_bond.PDB_model_num 
_pdbx_validate_rmsd_bond.auth_atom_id_1 
_pdbx_validate_rmsd_bond.auth_asym_id_1 
_pdbx_validate_rmsd_bond.auth_comp_id_1 
_pdbx_validate_rmsd_bond.auth_seq_id_1 
_pdbx_validate_rmsd_bond.PDB_ins_code_1 
_pdbx_validate_rmsd_bond.label_alt_id_1 
_pdbx_validate_rmsd_bond.auth_atom_id_2 
_pdbx_validate_rmsd_bond.auth_asym_id_2 
_pdbx_validate_rmsd_bond.auth_comp_id_2 
_pdbx_validate_rmsd_bond.auth_seq_id_2 
_pdbx_validate_rmsd_bond.PDB_ins_code_2 
_pdbx_validate_rmsd_bond.label_alt_id_2 
_pdbx_validate_rmsd_bond.bond_value 
_pdbx_validate_rmsd_bond.bond_target_value 
_pdbx_validate_rmsd_bond.bond_deviation 
_pdbx_validate_rmsd_bond.bond_standard_deviation 
_pdbx_validate_rmsd_bond.linker_flag 
1 1 CD A GLU 2  ? ? OE1 A GLU 2  ? ? 1.373 1.252 0.121 0.011 N 
2 1 CD A GLU 12 ? ? OE2 A GLU 12 ? ? 1.371 1.252 0.119 0.011 N 
# 
loop_
_pdbx_validate_rmsd_angle.id 
_pdbx_validate_rmsd_angle.PDB_model_num 
_pdbx_validate_rmsd_angle.auth_atom_id_1 
_pdbx_validate_rmsd_angle.auth_asym_id_1 
_pdbx_validate_rmsd_angle.auth_comp_id_1 
_pdbx_validate_rmsd_angle.auth_seq_id_1 
_pdbx_validate_rmsd_angle.PDB_ins_code_1 
_pdbx_validate_rmsd_angle.label_alt_id_1 
_pdbx_validate_rmsd_angle.auth_atom_id_2 
_pdbx_validate_rmsd_angle.auth_asym_id_2 
_pdbx_validate_rmsd_angle.auth_comp_id_2 
_pdbx_validate_rmsd_angle.auth_seq_id_2 
_pdbx_validate_rmsd_angle.PDB_ins_code_2 
_pdbx_validate_rmsd_angle.label_alt_id_2 
_pdbx_validate_rmsd_angle.auth_atom_id_3 
_pdbx_validate_rmsd_angle.auth_asym_id_3 
_pdbx_validate_rmsd_angle.auth_comp_id_3 
_pdbx_validate_rmsd_angle.auth_seq_id_3 
_pdbx_validate_rmsd_angle.PDB_ins_code_3 
_pdbx_validate_rmsd_angle.label_alt_id_3 
_pdbx_validate_rmsd_angle.angle_value 
_pdbx_validate_rmsd_angle.angle_target_value 
_pdbx_validate_rmsd_angle.angle_deviation 
_pdbx_validate_rmsd_angle.angle_standard_deviation 
_pdbx_validate_rmsd_angle.linker_flag 
1 1 CB A ASP 15 ? ? CG A ASP 15 ? ? OD1 A ASP 15 ? ? 111.98 118.30 -6.32 0.90 N 
2 1 CB A ASP 23 ? ? CG A ASP 23 ? ? OD1 A ASP 23 ? ? 112.04 118.30 -6.26 0.90 N 
3 1 NE A ARG 43 ? ? CZ A ARG 43 ? ? NH1 A ARG 43 ? ? 124.17 120.30 3.87  0.50 N 
# 
_pdbx_helical_symmetry.entry_id                  1IFL 
_pdbx_helical_symmetry.number_of_operations      55 
_pdbx_helical_symmetry.rotation_per_n_subunits   -33.230000 
_pdbx_helical_symmetry.rise_per_n_subunits       16.000000 
_pdbx_helical_symmetry.n_subunits_divisor        1 
_pdbx_helical_symmetry.dyad_axis                 no 
_pdbx_helical_symmetry.circular_symmetry         5 
# 
loop_
_chem_comp_atom.comp_id 
_chem_comp_atom.atom_id 
_chem_comp_atom.type_symbol 
_chem_comp_atom.pdbx_aromatic_flag 
_chem_comp_atom.pdbx_stereo_config 
_chem_comp_atom.pdbx_ordinal 
ALA N    N N N 1   
ALA CA   C N S 2   
ALA C    C N N 3   
ALA O    O N N 4   
ALA CB   C N N 5   
ALA OXT  O N N 6   
ALA H    H N N 7   
ALA H2   H N N 8   
ALA HA   H N N 9   
ALA HB1  H N N 10  
ALA HB2  H N N 11  
ALA HB3  H N N 12  
ALA HXT  H N N 13  
ARG N    N N N 14  
ARG CA   C N S 15  
ARG C    C N N 16  
ARG O    O N N 17  
ARG CB   C N N 18  
ARG CG   C N N 19  
ARG CD   C N N 20  
ARG NE   N N N 21  
ARG CZ   C N N 22  
ARG NH1  N N N 23  
ARG NH2  N N N 24  
ARG OXT  O N N 25  
ARG H    H N N 26  
ARG H2   H N N 27  
ARG HA   H N N 28  
ARG HB2  H N N 29  
ARG HB3  H N N 30  
ARG HG2  H N N 31  
ARG HG3  H N N 32  
ARG HD2  H N N 33  
ARG HD3  H N N 34  
ARG HE   H N N 35  
ARG HH11 H N N 36  
ARG HH12 H N N 37  
ARG HH21 H N N 38  
ARG HH22 H N N 39  
ARG HXT  H N N 40  
ASN N    N N N 41  
ASN CA   C N S 42  
ASN C    C N N 43  
ASN O    O N N 44  
ASN CB   C N N 45  
ASN CG   C N N 46  
ASN OD1  O N N 47  
ASN ND2  N N N 48  
ASN OXT  O N N 49  
ASN H    H N N 50  
ASN H2   H N N 51  
ASN HA   H N N 52  
ASN HB2  H N N 53  
ASN HB3  H N N 54  
ASN HD21 H N N 55  
ASN HD22 H N N 56  
ASN HXT  H N N 57  
ASP N    N N N 58  
ASP CA   C N S 59  
ASP C    C N N 60  
ASP O    O N N 61  
ASP CB   C N N 62  
ASP CG   C N N 63  
ASP OD1  O N N 64  
ASP OD2  O N N 65  
ASP OXT  O N N 66  
ASP H    H N N 67  
ASP H2   H N N 68  
ASP HA   H N N 69  
ASP HB2  H N N 70  
ASP HB3  H N N 71  
ASP HD2  H N N 72  
ASP HXT  H N N 73  
GLN N    N N N 74  
GLN CA   C N S 75  
GLN C    C N N 76  
GLN O    O N N 77  
GLN CB   C N N 78  
GLN CG   C N N 79  
GLN CD   C N N 80  
GLN OE1  O N N 81  
GLN NE2  N N N 82  
GLN OXT  O N N 83  
GLN H    H N N 84  
GLN H2   H N N 85  
GLN HA   H N N 86  
GLN HB2  H N N 87  
GLN HB3  H N N 88  
GLN HG2  H N N 89  
GLN HG3  H N N 90  
GLN HE21 H N N 91  
GLN HE22 H N N 92  
GLN HXT  H N N 93  
GLU N    N N N 94  
GLU CA   C N S 95  
GLU C    C N N 96  
GLU O    O N N 97  
GLU CB   C N N 98  
GLU CG   C N N 99  
GLU CD   C N N 100 
GLU OE1  O N N 101 
GLU OE2  O N N 102 
GLU OXT  O N N 103 
GLU H    H N N 104 
GLU H2   H N N 105 
GLU HA   H N N 106 
GLU HB2  H N N 107 
GLU HB3  H N N 108 
GLU HG2  H N N 109 
GLU HG3  H N N 110 
GLU HE2  H N N 111 
GLU HXT  H N N 112 
GLY N    N N N 113 
GLY CA   C N N 114 
GLY C    C N N 115 
GLY O    O N N 116 
GLY OXT  O N N 117 
GLY H    H N N 118 
GLY H2   H N N 119 
GLY HA2  H N N 120 
GLY HA3  H N N 121 
GLY HXT  H N N 122 
ILE N    N N N 123 
ILE CA   C N S 124 
ILE C    C N N 125 
ILE O    O N N 126 
ILE CB   C N S 127 
ILE CG1  C N N 128 
ILE CG2  C N N 129 
ILE CD1  C N N 130 
ILE OXT  O N N 131 
ILE H    H N N 132 
ILE H2   H N N 133 
ILE HA   H N N 134 
ILE HB   H N N 135 
ILE HG12 H N N 136 
ILE HG13 H N N 137 
ILE HG21 H N N 138 
ILE HG22 H N N 139 
ILE HG23 H N N 140 
ILE HD11 H N N 141 
ILE HD12 H N N 142 
ILE HD13 H N N 143 
ILE HXT  H N N 144 
LEU N    N N N 145 
LEU CA   C N S 146 
LEU C    C N N 147 
LEU O    O N N 148 
LEU CB   C N N 149 
LEU CG   C N N 150 
LEU CD1  C N N 151 
LEU CD2  C N N 152 
LEU OXT  O N N 153 
LEU H    H N N 154 
LEU H2   H N N 155 
LEU HA   H N N 156 
LEU HB2  H N N 157 
LEU HB3  H N N 158 
LEU HG   H N N 159 
LEU HD11 H N N 160 
LEU HD12 H N N 161 
LEU HD13 H N N 162 
LEU HD21 H N N 163 
LEU HD22 H N N 164 
LEU HD23 H N N 165 
LEU HXT  H N N 166 
LYS N    N N N 167 
LYS CA   C N S 168 
LYS C    C N N 169 
LYS O    O N N 170 
LYS CB   C N N 171 
LYS CG   C N N 172 
LYS CD   C N N 173 
LYS CE   C N N 174 
LYS NZ   N N N 175 
LYS OXT  O N N 176 
LYS H    H N N 177 
LYS H2   H N N 178 
LYS HA   H N N 179 
LYS HB2  H N N 180 
LYS HB3  H N N 181 
LYS HG2  H N N 182 
LYS HG3  H N N 183 
LYS HD2  H N N 184 
LYS HD3  H N N 185 
LYS HE2  H N N 186 
LYS HE3  H N N 187 
LYS HZ1  H N N 188 
LYS HZ2  H N N 189 
LYS HZ3  H N N 190 
LYS HXT  H N N 191 
MET N    N N N 192 
MET CA   C N S 193 
MET C    C N N 194 
MET O    O N N 195 
MET CB   C N N 196 
MET CG   C N N 197 
MET SD   S N N 198 
MET CE   C N N 199 
MET OXT  O N N 200 
MET H    H N N 201 
MET H2   H N N 202 
MET HA   H N N 203 
MET HB2  H N N 204 
MET HB3  H N N 205 
MET HG2  H N N 206 
MET HG3  H N N 207 
MET HE1  H N N 208 
MET HE2  H N N 209 
MET HE3  H N N 210 
MET HXT  H N N 211 
PHE N    N N N 212 
PHE CA   C N S 213 
PHE C    C N N 214 
PHE O    O N N 215 
PHE CB   C N N 216 
PHE CG   C Y N 217 
PHE CD1  C Y N 218 
PHE CD2  C Y N 219 
PHE CE1  C Y N 220 
PHE CE2  C Y N 221 
PHE CZ   C Y N 222 
PHE OXT  O N N 223 
PHE H    H N N 224 
PHE H2   H N N 225 
PHE HA   H N N 226 
PHE HB2  H N N 227 
PHE HB3  H N N 228 
PHE HD1  H N N 229 
PHE HD2  H N N 230 
PHE HE1  H N N 231 
PHE HE2  H N N 232 
PHE HZ   H N N 233 
PHE HXT  H N N 234 
PRO N    N N N 235 
PRO CA   C N S 236 
PRO C    C N N 237 
PRO O    O N N 238 
PRO CB   C N N 239 
PRO CG   C N N 240 
PRO CD   C N N 241 
PRO OXT  O N N 242 
PRO H    H N N 243 
PRO HA   H N N 244 
PRO HB2  H N N 245 
PRO HB3  H N N 246 
PRO HG2  H N N 247 
PRO HG3  H N N 248 
PRO HD2  H N N 249 
PRO HD3  H N N 250 
PRO HXT  H N N 251 
SER N    N N N 252 
SER CA   C N S 253 
SER C    C N N 254 
SER O    O N N 255 
SER CB   C N N 256 
SER OG   O N N 257 
SER OXT  O N N 258 
SER H    H N N 259 
SER H2   H N N 260 
SER HA   H N N 261 
SER HB2  H N N 262 
SER HB3  H N N 263 
SER HG   H N N 264 
SER HXT  H N N 265 
THR N    N N N 266 
THR CA   C N S 267 
THR C    C N N 268 
THR O    O N N 269 
THR CB   C N R 270 
THR OG1  O N N 271 
THR CG2  C N N 272 
THR OXT  O N N 273 
THR H    H N N 274 
THR H2   H N N 275 
THR HA   H N N 276 
THR HB   H N N 277 
THR HG1  H N N 278 
THR HG21 H N N 279 
THR HG22 H N N 280 
THR HG23 H N N 281 
THR HXT  H N N 282 
TRP N    N N N 283 
TRP CA   C N S 284 
TRP C    C N N 285 
TRP O    O N N 286 
TRP CB   C N N 287 
TRP CG   C Y N 288 
TRP CD1  C Y N 289 
TRP CD2  C Y N 290 
TRP NE1  N Y N 291 
TRP CE2  C Y N 292 
TRP CE3  C Y N 293 
TRP CZ2  C Y N 294 
TRP CZ3  C Y N 295 
TRP CH2  C Y N 296 
TRP OXT  O N N 297 
TRP H    H N N 298 
TRP H2   H N N 299 
TRP HA   H N N 300 
TRP HB2  H N N 301 
TRP HB3  H N N 302 
TRP HD1  H N N 303 
TRP HE1  H N N 304 
TRP HE3  H N N 305 
TRP HZ2  H N N 306 
TRP HZ3  H N N 307 
TRP HH2  H N N 308 
TRP HXT  H N N 309 
TYR N    N N N 310 
TYR CA   C N S 311 
TYR C    C N N 312 
TYR O    O N N 313 
TYR CB   C N N 314 
TYR CG   C Y N 315 
TYR CD1  C Y N 316 
TYR CD2  C Y N 317 
TYR CE1  C Y N 318 
TYR CE2  C Y N 319 
TYR CZ   C Y N 320 
TYR OH   O N N 321 
TYR OXT  O N N 322 
TYR H    H N N 323 
TYR H2   H N N 324 
TYR HA   H N N 325 
TYR HB2  H N N 326 
TYR HB3  H N N 327 
TYR HD1  H N N 328 
TYR HD2  H N N 329 
TYR HE1  H N N 330 
TYR HE2  H N N 331 
TYR HH   H N N 332 
TYR HXT  H N N 333 
VAL N    N N N 334 
VAL CA   C N S 335 
VAL C    C N N 336 
VAL O    O N N 337 
VAL CB   C N N 338 
VAL CG1  C N N 339 
VAL CG2  C N N 340 
VAL OXT  O N N 341 
VAL H    H N N 342 
VAL H2   H N N 343 
VAL HA   H N N 344 
VAL HB   H N N 345 
VAL HG11 H N N 346 
VAL HG12 H N N 347 
VAL HG13 H N N 348 
VAL HG21 H N N 349 
VAL HG22 H N N 350 
VAL HG23 H N N 351 
VAL HXT  H N N 352 
# 
loop_
_chem_comp_bond.comp_id 
_chem_comp_bond.atom_id_1 
_chem_comp_bond.atom_id_2 
_chem_comp_bond.value_order 
_chem_comp_bond.pdbx_aromatic_flag 
_chem_comp_bond.pdbx_stereo_config 
_chem_comp_bond.pdbx_ordinal 
ALA N   CA   sing N N 1   
ALA N   H    sing N N 2   
ALA N   H2   sing N N 3   
ALA CA  C    sing N N 4   
ALA CA  CB   sing N N 5   
ALA CA  HA   sing N N 6   
ALA C   O    doub N N 7   
ALA C   OXT  sing N N 8   
ALA CB  HB1  sing N N 9   
ALA CB  HB2  sing N N 10  
ALA CB  HB3  sing N N 11  
ALA OXT HXT  sing N N 12  
ARG N   CA   sing N N 13  
ARG N   H    sing N N 14  
ARG N   H2   sing N N 15  
ARG CA  C    sing N N 16  
ARG CA  CB   sing N N 17  
ARG CA  HA   sing N N 18  
ARG C   O    doub N N 19  
ARG C   OXT  sing N N 20  
ARG CB  CG   sing N N 21  
ARG CB  HB2  sing N N 22  
ARG CB  HB3  sing N N 23  
ARG CG  CD   sing N N 24  
ARG CG  HG2  sing N N 25  
ARG CG  HG3  sing N N 26  
ARG CD  NE   sing N N 27  
ARG CD  HD2  sing N N 28  
ARG CD  HD3  sing N N 29  
ARG NE  CZ   sing N N 30  
ARG NE  HE   sing N N 31  
ARG CZ  NH1  sing N N 32  
ARG CZ  NH2  doub N N 33  
ARG NH1 HH11 sing N N 34  
ARG NH1 HH12 sing N N 35  
ARG NH2 HH21 sing N N 36  
ARG NH2 HH22 sing N N 37  
ARG OXT HXT  sing N N 38  
ASN N   CA   sing N N 39  
ASN N   H    sing N N 40  
ASN N   H2   sing N N 41  
ASN CA  C    sing N N 42  
ASN CA  CB   sing N N 43  
ASN CA  HA   sing N N 44  
ASN C   O    doub N N 45  
ASN C   OXT  sing N N 46  
ASN CB  CG   sing N N 47  
ASN CB  HB2  sing N N 48  
ASN CB  HB3  sing N N 49  
ASN CG  OD1  doub N N 50  
ASN CG  ND2  sing N N 51  
ASN ND2 HD21 sing N N 52  
ASN ND2 HD22 sing N N 53  
ASN OXT HXT  sing N N 54  
ASP N   CA   sing N N 55  
ASP N   H    sing N N 56  
ASP N   H2   sing N N 57  
ASP CA  C    sing N N 58  
ASP CA  CB   sing N N 59  
ASP CA  HA   sing N N 60  
ASP C   O    doub N N 61  
ASP C   OXT  sing N N 62  
ASP CB  CG   sing N N 63  
ASP CB  HB2  sing N N 64  
ASP CB  HB3  sing N N 65  
ASP CG  OD1  doub N N 66  
ASP CG  OD2  sing N N 67  
ASP OD2 HD2  sing N N 68  
ASP OXT HXT  sing N N 69  
GLN N   CA   sing N N 70  
GLN N   H    sing N N 71  
GLN N   H2   sing N N 72  
GLN CA  C    sing N N 73  
GLN CA  CB   sing N N 74  
GLN CA  HA   sing N N 75  
GLN C   O    doub N N 76  
GLN C   OXT  sing N N 77  
GLN CB  CG   sing N N 78  
GLN CB  HB2  sing N N 79  
GLN CB  HB3  sing N N 80  
GLN CG  CD   sing N N 81  
GLN CG  HG2  sing N N 82  
GLN CG  HG3  sing N N 83  
GLN CD  OE1  doub N N 84  
GLN CD  NE2  sing N N 85  
GLN NE2 HE21 sing N N 86  
GLN NE2 HE22 sing N N 87  
GLN OXT HXT  sing N N 88  
GLU N   CA   sing N N 89  
GLU N   H    sing N N 90  
GLU N   H2   sing N N 91  
GLU CA  C    sing N N 92  
GLU CA  CB   sing N N 93  
GLU CA  HA   sing N N 94  
GLU C   O    doub N N 95  
GLU C   OXT  sing N N 96  
GLU CB  CG   sing N N 97  
GLU CB  HB2  sing N N 98  
GLU CB  HB3  sing N N 99  
GLU CG  CD   sing N N 100 
GLU CG  HG2  sing N N 101 
GLU CG  HG3  sing N N 102 
GLU CD  OE1  doub N N 103 
GLU CD  OE2  sing N N 104 
GLU OE2 HE2  sing N N 105 
GLU OXT HXT  sing N N 106 
GLY N   CA   sing N N 107 
GLY N   H    sing N N 108 
GLY N   H2   sing N N 109 
GLY CA  C    sing N N 110 
GLY CA  HA2  sing N N 111 
GLY CA  HA3  sing N N 112 
GLY C   O    doub N N 113 
GLY C   OXT  sing N N 114 
GLY OXT HXT  sing N N 115 
ILE N   CA   sing N N 116 
ILE N   H    sing N N 117 
ILE N   H2   sing N N 118 
ILE CA  C    sing N N 119 
ILE CA  CB   sing N N 120 
ILE CA  HA   sing N N 121 
ILE C   O    doub N N 122 
ILE C   OXT  sing N N 123 
ILE CB  CG1  sing N N 124 
ILE CB  CG2  sing N N 125 
ILE CB  HB   sing N N 126 
ILE CG1 CD1  sing N N 127 
ILE CG1 HG12 sing N N 128 
ILE CG1 HG13 sing N N 129 
ILE CG2 HG21 sing N N 130 
ILE CG2 HG22 sing N N 131 
ILE CG2 HG23 sing N N 132 
ILE CD1 HD11 sing N N 133 
ILE CD1 HD12 sing N N 134 
ILE CD1 HD13 sing N N 135 
ILE OXT HXT  sing N N 136 
LEU N   CA   sing N N 137 
LEU N   H    sing N N 138 
LEU N   H2   sing N N 139 
LEU CA  C    sing N N 140 
LEU CA  CB   sing N N 141 
LEU CA  HA   sing N N 142 
LEU C   O    doub N N 143 
LEU C   OXT  sing N N 144 
LEU CB  CG   sing N N 145 
LEU CB  HB2  sing N N 146 
LEU CB  HB3  sing N N 147 
LEU CG  CD1  sing N N 148 
LEU CG  CD2  sing N N 149 
LEU CG  HG   sing N N 150 
LEU CD1 HD11 sing N N 151 
LEU CD1 HD12 sing N N 152 
LEU CD1 HD13 sing N N 153 
LEU CD2 HD21 sing N N 154 
LEU CD2 HD22 sing N N 155 
LEU CD2 HD23 sing N N 156 
LEU OXT HXT  sing N N 157 
LYS N   CA   sing N N 158 
LYS N   H    sing N N 159 
LYS N   H2   sing N N 160 
LYS CA  C    sing N N 161 
LYS CA  CB   sing N N 162 
LYS CA  HA   sing N N 163 
LYS C   O    doub N N 164 
LYS C   OXT  sing N N 165 
LYS CB  CG   sing N N 166 
LYS CB  HB2  sing N N 167 
LYS CB  HB3  sing N N 168 
LYS CG  CD   sing N N 169 
LYS CG  HG2  sing N N 170 
LYS CG  HG3  sing N N 171 
LYS CD  CE   sing N N 172 
LYS CD  HD2  sing N N 173 
LYS CD  HD3  sing N N 174 
LYS CE  NZ   sing N N 175 
LYS CE  HE2  sing N N 176 
LYS CE  HE3  sing N N 177 
LYS NZ  HZ1  sing N N 178 
LYS NZ  HZ2  sing N N 179 
LYS NZ  HZ3  sing N N 180 
LYS OXT HXT  sing N N 181 
MET N   CA   sing N N 182 
MET N   H    sing N N 183 
MET N   H2   sing N N 184 
MET CA  C    sing N N 185 
MET CA  CB   sing N N 186 
MET CA  HA   sing N N 187 
MET C   O    doub N N 188 
MET C   OXT  sing N N 189 
MET CB  CG   sing N N 190 
MET CB  HB2  sing N N 191 
MET CB  HB3  sing N N 192 
MET CG  SD   sing N N 193 
MET CG  HG2  sing N N 194 
MET CG  HG3  sing N N 195 
MET SD  CE   sing N N 196 
MET CE  HE1  sing N N 197 
MET CE  HE2  sing N N 198 
MET CE  HE3  sing N N 199 
MET OXT HXT  sing N N 200 
PHE N   CA   sing N N 201 
PHE N   H    sing N N 202 
PHE N   H2   sing N N 203 
PHE CA  C    sing N N 204 
PHE CA  CB   sing N N 205 
PHE CA  HA   sing N N 206 
PHE C   O    doub N N 207 
PHE C   OXT  sing N N 208 
PHE CB  CG   sing N N 209 
PHE CB  HB2  sing N N 210 
PHE CB  HB3  sing N N 211 
PHE CG  CD1  doub Y N 212 
PHE CG  CD2  sing Y N 213 
PHE CD1 CE1  sing Y N 214 
PHE CD1 HD1  sing N N 215 
PHE CD2 CE2  doub Y N 216 
PHE CD2 HD2  sing N N 217 
PHE CE1 CZ   doub Y N 218 
PHE CE1 HE1  sing N N 219 
PHE CE2 CZ   sing Y N 220 
PHE CE2 HE2  sing N N 221 
PHE CZ  HZ   sing N N 222 
PHE OXT HXT  sing N N 223 
PRO N   CA   sing N N 224 
PRO N   CD   sing N N 225 
PRO N   H    sing N N 226 
PRO CA  C    sing N N 227 
PRO CA  CB   sing N N 228 
PRO CA  HA   sing N N 229 
PRO C   O    doub N N 230 
PRO C   OXT  sing N N 231 
PRO CB  CG   sing N N 232 
PRO CB  HB2  sing N N 233 
PRO CB  HB3  sing N N 234 
PRO CG  CD   sing N N 235 
PRO CG  HG2  sing N N 236 
PRO CG  HG3  sing N N 237 
PRO CD  HD2  sing N N 238 
PRO CD  HD3  sing N N 239 
PRO OXT HXT  sing N N 240 
SER N   CA   sing N N 241 
SER N   H    sing N N 242 
SER N   H2   sing N N 243 
SER CA  C    sing N N 244 
SER CA  CB   sing N N 245 
SER CA  HA   sing N N 246 
SER C   O    doub N N 247 
SER C   OXT  sing N N 248 
SER CB  OG   sing N N 249 
SER CB  HB2  sing N N 250 
SER CB  HB3  sing N N 251 
SER OG  HG   sing N N 252 
SER OXT HXT  sing N N 253 
THR N   CA   sing N N 254 
THR N   H    sing N N 255 
THR N   H2   sing N N 256 
THR CA  C    sing N N 257 
THR CA  CB   sing N N 258 
THR CA  HA   sing N N 259 
THR C   O    doub N N 260 
THR C   OXT  sing N N 261 
THR CB  OG1  sing N N 262 
THR CB  CG2  sing N N 263 
THR CB  HB   sing N N 264 
THR OG1 HG1  sing N N 265 
THR CG2 HG21 sing N N 266 
THR CG2 HG22 sing N N 267 
THR CG2 HG23 sing N N 268 
THR OXT HXT  sing N N 269 
TRP N   CA   sing N N 270 
TRP N   H    sing N N 271 
TRP N   H2   sing N N 272 
TRP CA  C    sing N N 273 
TRP CA  CB   sing N N 274 
TRP CA  HA   sing N N 275 
TRP C   O    doub N N 276 
TRP C   OXT  sing N N 277 
TRP CB  CG   sing N N 278 
TRP CB  HB2  sing N N 279 
TRP CB  HB3  sing N N 280 
TRP CG  CD1  doub Y N 281 
TRP CG  CD2  sing Y N 282 
TRP CD1 NE1  sing Y N 283 
TRP CD1 HD1  sing N N 284 
TRP CD2 CE2  doub Y N 285 
TRP CD2 CE3  sing Y N 286 
TRP NE1 CE2  sing Y N 287 
TRP NE1 HE1  sing N N 288 
TRP CE2 CZ2  sing Y N 289 
TRP CE3 CZ3  doub Y N 290 
TRP CE3 HE3  sing N N 291 
TRP CZ2 CH2  doub Y N 292 
TRP CZ2 HZ2  sing N N 293 
TRP CZ3 CH2  sing Y N 294 
TRP CZ3 HZ3  sing N N 295 
TRP CH2 HH2  sing N N 296 
TRP OXT HXT  sing N N 297 
TYR N   CA   sing N N 298 
TYR N   H    sing N N 299 
TYR N   H2   sing N N 300 
TYR CA  C    sing N N 301 
TYR CA  CB   sing N N 302 
TYR CA  HA   sing N N 303 
TYR C   O    doub N N 304 
TYR C   OXT  sing N N 305 
TYR CB  CG   sing N N 306 
TYR CB  HB2  sing N N 307 
TYR CB  HB3  sing N N 308 
TYR CG  CD1  doub Y N 309 
TYR CG  CD2  sing Y N 310 
TYR CD1 CE1  sing Y N 311 
TYR CD1 HD1  sing N N 312 
TYR CD2 CE2  doub Y N 313 
TYR CD2 HD2  sing N N 314 
TYR CE1 CZ   doub Y N 315 
TYR CE1 HE1  sing N N 316 
TYR CE2 CZ   sing Y N 317 
TYR CE2 HE2  sing N N 318 
TYR CZ  OH   sing N N 319 
TYR OH  HH   sing N N 320 
TYR OXT HXT  sing N N 321 
VAL N   CA   sing N N 322 
VAL N   H    sing N N 323 
VAL N   H2   sing N N 324 
VAL CA  C    sing N N 325 
VAL CA  CB   sing N N 326 
VAL CA  HA   sing N N 327 
VAL C   O    doub N N 328 
VAL C   OXT  sing N N 329 
VAL CB  CG1  sing N N 330 
VAL CB  CG2  sing N N 331 
VAL CB  HB   sing N N 332 
VAL CG1 HG11 sing N N 333 
VAL CG1 HG12 sing N N 334 
VAL CG1 HG13 sing N N 335 
VAL CG2 HG21 sing N N 336 
VAL CG2 HG22 sing N N 337 
VAL CG2 HG23 sing N N 338 
VAL OXT HXT  sing N N 339 
# 
_atom_sites.entry_id                    1IFL 
_atom_sites.fract_transf_matrix[1][1]   1.000000 
_atom_sites.fract_transf_matrix[1][2]   0.000000 
_atom_sites.fract_transf_matrix[1][3]   0.000000 
_atom_sites.fract_transf_matrix[2][1]   0.000000 
_atom_sites.fract_transf_matrix[2][2]   1.000000 
_atom_sites.fract_transf_matrix[2][3]   0.000000 
_atom_sites.fract_transf_matrix[3][1]   0.000000 
_atom_sites.fract_transf_matrix[3][2]   0.000000 
_atom_sites.fract_transf_matrix[3][3]   1.000000 
_atom_sites.fract_transf_vector[1]      0.00000 
_atom_sites.fract_transf_vector[2]      0.00000 
_atom_sites.fract_transf_vector[3]      0.00000 
# 
loop_
_atom_type.symbol 
C 
N 
O 
S 
# 
loop_
_atom_site.group_PDB 
_atom_site.id 
_atom_site.type_symbol 
_atom_site.label_atom_id 
_atom_site.label_alt_id 
_atom_site.label_comp_id 
_atom_site.label_asym_id 
_atom_site.label_entity_id 
_atom_site.label_seq_id 
_atom_site.pdbx_PDB_ins_code 
_atom_site.Cartn_x 
_atom_site.Cartn_y 
_atom_site.Cartn_z 
_atom_site.occupancy 
_atom_site.B_iso_or_equiv 
_atom_site.pdbx_formal_charge 
_atom_site.auth_seq_id 
_atom_site.auth_comp_id 
_atom_site.auth_asym_id 
_atom_site.auth_atom_id 
_atom_site.pdbx_PDB_model_num 
ATOM 1   N N   . ALA A 1 1  ? -8.901  -36.157 -8.625  1.00 10.00 ? 1  ALA A N   1 
ATOM 2   C CA  . ALA A 1 1  ? -9.115  -36.084 -10.078 1.00 10.00 ? 1  ALA A CA  1 
ATOM 3   C C   . ALA A 1 1  ? -10.005 -34.958 -10.570 1.00 10.00 ? 1  ALA A C   1 
ATOM 4   O O   . ALA A 1 1  ? -9.504  -34.055 -11.245 1.00 10.00 ? 1  ALA A O   1 
ATOM 5   C CB  . ALA A 1 1  ? -9.324  -37.452 -10.709 1.00 10.00 ? 1  ALA A CB  1 
ATOM 6   N N   . GLU A 1 2  ? -11.308 -35.003 -10.244 1.00 10.00 ? 2  GLU A N   1 
ATOM 7   C CA  . GLU A 1 2  ? -12.285 -34.014 -10.741 1.00 10.00 ? 2  GLU A CA  1 
ATOM 8   C C   . GLU A 1 2  ? -12.193 -32.656 -10.022 1.00 10.00 ? 2  GLU A C   1 
ATOM 9   O O   . GLU A 1 2  ? -11.696 -31.732 -10.675 1.00 10.00 ? 2  GLU A O   1 
ATOM 10  C CB  . GLU A 1 2  ? -13.694 -34.577 -10.881 1.00 10.00 ? 2  GLU A CB  1 
ATOM 11  C CG  . GLU A 1 2  ? -13.835 -35.742 -11.858 1.00 10.00 ? 2  GLU A CG  1 
ATOM 12  C CD  . GLU A 1 2  ? -15.111 -36.523 -11.586 1.00 10.00 ? 2  GLU A CD  1 
ATOM 13  O OE1 . GLU A 1 2  ? -14.928 -37.479 -10.619 1.00 10.00 ? 2  GLU A OE1 1 
ATOM 14  O OE2 . GLU A 1 2  ? -16.172 -36.323 -12.175 1.00 10.00 ? 2  GLU A OE2 1 
ATOM 15  N N   . PRO A 1 3  ? -12.539 -32.481 -8.722  1.00 10.00 ? 3  PRO A N   1 
ATOM 16  C CA  . PRO A 1 3  ? -12.125 -31.297 -7.928  1.00 10.00 ? 3  PRO A CA  1 
ATOM 17  C C   . PRO A 1 3  ? -10.622 -31.028 -7.700  1.00 10.00 ? 3  PRO A C   1 
ATOM 18  O O   . PRO A 1 3  ? -10.281 -29.876 -7.430  1.00 10.00 ? 3  PRO A O   1 
ATOM 19  C CB  . PRO A 1 3  ? -12.882 -31.498 -6.595  1.00 10.00 ? 3  PRO A CB  1 
ATOM 20  C CG  . PRO A 1 3  ? -12.932 -33.042 -6.452  1.00 10.00 ? 3  PRO A CG  1 
ATOM 21  C CD  . PRO A 1 3  ? -13.222 -33.501 -7.897  1.00 10.00 ? 3  PRO A CD  1 
ATOM 22  N N   . ASN A 1 4  ? -9.741  -32.038 -7.829  1.00 10.00 ? 4  ASN A N   1 
ATOM 23  C CA  . ASN A 1 4  ? -8.282  -31.837 -7.799  1.00 10.00 ? 4  ASN A CA  1 
ATOM 24  C C   . ASN A 1 4  ? -7.682  -31.059 -8.973  1.00 10.00 ? 4  ASN A C   1 
ATOM 25  O O   . ASN A 1 4  ? -7.041  -30.040 -8.712  1.00 10.00 ? 4  ASN A O   1 
ATOM 26  C CB  . ASN A 1 4  ? -7.506  -33.102 -7.447  1.00 10.00 ? 4  ASN A CB  1 
ATOM 27  C CG  . ASN A 1 4  ? -7.502  -33.486 -5.979  1.00 10.00 ? 4  ASN A CG  1 
ATOM 28  O OD1 . ASN A 1 4  ? -6.627  -33.080 -5.215  1.00 10.00 ? 4  ASN A OD1 1 
ATOM 29  N ND2 . ASN A 1 4  ? -8.459  -34.296 -5.554  1.00 10.00 ? 4  ASN A ND2 1 
ATOM 30  N N   . ALA A 1 5  ? -7.939  -31.476 -10.229 1.00 10.00 ? 5  ALA A N   1 
ATOM 31  C CA  . ALA A 1 5  ? -7.631  -30.653 -11.413 1.00 10.00 ? 5  ALA A CA  1 
ATOM 32  C C   . ALA A 1 5  ? -8.333  -29.298 -11.573 1.00 10.00 ? 5  ALA A C   1 
ATOM 33  O O   . ALA A 1 5  ? -7.665  -28.329 -11.950 1.00 10.00 ? 5  ALA A O   1 
ATOM 34  C CB  . ALA A 1 5  ? -7.636  -31.494 -12.684 1.00 10.00 ? 5  ALA A CB  1 
ATOM 35  N N   . ALA A 1 6  ? -9.633  -29.204 -11.220 1.00 10.00 ? 6  ALA A N   1 
ATOM 36  C CA  . ALA A 1 6  ? -10.305 -27.905 -11.021 1.00 10.00 ? 6  ALA A CA  1 
ATOM 37  C C   . ALA A 1 6  ? -9.691  -26.909 -10.024 1.00 10.00 ? 6  ALA A C   1 
ATOM 38  O O   . ALA A 1 6  ? -9.525  -25.740 -10.378 1.00 10.00 ? 6  ALA A O   1 
ATOM 39  C CB  . ALA A 1 6  ? -11.814 -28.078 -10.873 1.00 10.00 ? 6  ALA A CB  1 
ATOM 40  N N   . THR A 1 7  ? -9.287  -27.383 -8.833  1.00 10.00 ? 7  THR A N   1 
ATOM 41  C CA  . THR A 1 7  ? -8.445  -26.602 -7.903  1.00 10.00 ? 7  THR A CA  1 
ATOM 42  C C   . THR A 1 7  ? -6.988  -26.327 -8.321  1.00 10.00 ? 7  THR A C   1 
ATOM 43  O O   . THR A 1 7  ? -6.437  -25.345 -7.830  1.00 10.00 ? 7  THR A O   1 
ATOM 44  C CB  . THR A 1 7  ? -8.694  -27.018 -6.452  1.00 10.00 ? 7  THR A CB  1 
ATOM 45  O OG1 . THR A 1 7  ? -10.075 -26.893 -6.123  1.00 10.00 ? 7  THR A OG1 1 
ATOM 46  C CG2 . THR A 1 7  ? -7.914  -26.310 -5.355  1.00 10.00 ? 7  THR A CG2 1 
ATOM 47  N N   . ASN A 1 8  ? -6.371  -27.096 -9.238  1.00 10.00 ? 8  ASN A N   1 
ATOM 48  C CA  . ASN A 1 8  ? -5.113  -26.681 -9.892  1.00 10.00 ? 8  ASN A CA  1 
ATOM 49  C C   . ASN A 1 8  ? -5.180  -25.421 -10.771 1.00 10.00 ? 8  ASN A C   1 
ATOM 50  O O   . ASN A 1 8  ? -4.381  -24.506 -10.549 1.00 10.00 ? 8  ASN A O   1 
ATOM 51  C CB  . ASN A 1 8  ? -4.356  -27.813 -10.577 1.00 10.00 ? 8  ASN A CB  1 
ATOM 52  C CG  . ASN A 1 8  ? -3.709  -28.844 -9.673  1.00 10.00 ? 8  ASN A CG  1 
ATOM 53  O OD1 . ASN A 1 8  ? -4.266  -29.906 -9.409  1.00 10.00 ? 8  ASN A OD1 1 
ATOM 54  N ND2 . ASN A 1 8  ? -2.506  -28.563 -9.205  1.00 10.00 ? 8  ASN A ND2 1 
ATOM 55  N N   . TYR A 1 9  ? -6.149  -25.347 -11.700 1.00 10.00 ? 9  TYR A N   1 
ATOM 56  C CA  . TYR A 1 9  ? -6.448  -24.099 -12.434 1.00 10.00 ? 9  TYR A CA  1 
ATOM 57  C C   . TYR A 1 9  ? -6.938  -22.895 -11.606 1.00 10.00 ? 9  TYR A C   1 
ATOM 58  O O   . TYR A 1 9  ? -6.412  -21.794 -11.797 1.00 10.00 ? 9  TYR A O   1 
ATOM 59  C CB  . TYR A 1 9  ? -7.310  -24.310 -13.677 1.00 10.00 ? 9  TYR A CB  1 
ATOM 60  C CG  . TYR A 1 9  ? -6.703  -25.133 -14.794 1.00 10.00 ? 9  TYR A CG  1 
ATOM 61  C CD1 . TYR A 1 9  ? -5.782  -24.570 -15.676 1.00 10.00 ? 9  TYR A CD1 1 
ATOM 62  C CD2 . TYR A 1 9  ? -7.078  -26.464 -14.947 1.00 10.00 ? 9  TYR A CD2 1 
ATOM 63  C CE1 . TYR A 1 9  ? -5.235  -25.336 -16.699 1.00 10.00 ? 9  TYR A CE1 1 
ATOM 64  C CE2 . TYR A 1 9  ? -6.529  -27.234 -15.969 1.00 10.00 ? 9  TYR A CE2 1 
ATOM 65  C CZ  . TYR A 1 9  ? -5.609  -26.669 -16.841 1.00 10.00 ? 9  TYR A CZ  1 
ATOM 66  O OH  . TYR A 1 9  ? -5.070  -27.422 -17.844 1.00 10.00 ? 9  TYR A OH  1 
ATOM 67  N N   . ALA A 1 10 ? -7.877  -23.117 -10.666 1.00 10.00 ? 10 ALA A N   1 
ATOM 68  C CA  . ALA A 1 10 ? -8.247  -22.119 -9.651  1.00 10.00 ? 10 ALA A CA  1 
ATOM 69  C C   . ALA A 1 10 ? -7.158  -21.539 -8.746  1.00 10.00 ? 10 ALA A C   1 
ATOM 70  O O   . ALA A 1 10 ? -7.092  -20.316 -8.633  1.00 10.00 ? 10 ALA A O   1 
ATOM 71  C CB  . ALA A 1 10 ? -9.512  -22.528 -8.907  1.00 10.00 ? 10 ALA A CB  1 
ATOM 72  N N   . THR A 1 11 ? -6.281  -22.385 -8.182  1.00 10.00 ? 11 THR A N   1 
ATOM 73  C CA  . THR A 1 11 ? -5.027  -21.955 -7.519  1.00 10.00 ? 11 THR A CA  1 
ATOM 74  C C   . THR A 1 11 ? -4.032  -21.140 -8.373  1.00 10.00 ? 11 THR A C   1 
ATOM 75  O O   . THR A 1 11 ? -3.436  -20.212 -7.825  1.00 10.00 ? 11 THR A O   1 
ATOM 76  C CB  . THR A 1 11 ? -4.396  -23.131 -6.758  1.00 10.00 ? 11 THR A CB  1 
ATOM 77  O OG1 . THR A 1 11 ? -5.308  -23.688 -5.819  1.00 10.00 ? 11 THR A OG1 1 
ATOM 78  C CG2 . THR A 1 11 ? -3.096  -22.862 -6.014  1.00 10.00 ? 11 THR A CG2 1 
ATOM 79  N N   . GLU A 1 12 ? -3.870  -21.452 -9.672  1.00 10.00 ? 12 GLU A N   1 
ATOM 80  C CA  . GLU A 1 12 ? -3.075  -20.628 -10.611 1.00 10.00 ? 12 GLU A CA  1 
ATOM 81  C C   . GLU A 1 12 ? -3.522  -19.160 -10.768 1.00 10.00 ? 12 GLU A C   1 
ATOM 82  O O   . GLU A 1 12 ? -2.701  -18.270 -10.522 1.00 10.00 ? 12 GLU A O   1 
ATOM 83  C CB  . GLU A 1 12 ? -2.924  -21.317 -11.968 1.00 10.00 ? 12 GLU A CB  1 
ATOM 84  C CG  . GLU A 1 12 ? -2.073  -22.584 -11.960 1.00 10.00 ? 12 GLU A CG  1 
ATOM 85  C CD  . GLU A 1 12 ? -2.223  -23.352 -13.261 1.00 10.00 ? 12 GLU A CD  1 
ATOM 86  O OE1 . GLU A 1 12 ? -3.131  -24.155 -13.476 1.00 10.00 ? 12 GLU A OE1 1 
ATOM 87  O OE2 . GLU A 1 12 ? -1.224  -23.053 -14.153 1.00 10.00 ? 12 GLU A OE2 1 
ATOM 88  N N   . ALA A 1 13 ? -4.806  -18.912 -11.091 1.00 10.00 ? 13 ALA A N   1 
ATOM 89  C CA  . ALA A 1 13 ? -5.387  -17.562 -10.993 1.00 10.00 ? 13 ALA A CA  1 
ATOM 90  C C   . ALA A 1 13 ? -5.510  -16.880 -9.620  1.00 10.00 ? 13 ALA A C   1 
ATOM 91  O O   . ALA A 1 13 ? -5.434  -15.652 -9.565  1.00 10.00 ? 13 ALA A O   1 
ATOM 92  C CB  . ALA A 1 13 ? -6.644  -17.445 -11.844 1.00 10.00 ? 13 ALA A CB  1 
ATOM 93  N N   . MET A 1 14 ? -5.642  -17.658 -8.535  1.00 10.00 ? 14 MET A N   1 
ATOM 94  C CA  . MET A 1 14 ? -5.515  -17.173 -7.143  1.00 10.00 ? 14 MET A CA  1 
ATOM 95  C C   . MET A 1 14 ? -4.131  -16.660 -6.696  1.00 10.00 ? 14 MET A C   1 
ATOM 96  O O   . MET A 1 14 ? -4.082  -15.655 -5.987  1.00 10.00 ? 14 MET A O   1 
ATOM 97  C CB  . MET A 1 14 ? -5.986  -18.259 -6.165  1.00 10.00 ? 14 MET A CB  1 
ATOM 98  C CG  . MET A 1 14 ? -7.503  -18.384 -6.114  1.00 10.00 ? 14 MET A CG  1 
ATOM 99  S SD  . MET A 1 14 ? -7.966  -19.887 -5.238  1.00 10.00 ? 14 MET A SD  1 
ATOM 100 C CE  . MET A 1 14 ? -9.736  -19.816 -5.550  1.00 10.00 ? 14 MET A CE  1 
ATOM 101 N N   . ASP A 1 15 ? -3.042  -17.325 -7.111  1.00 10.00 ? 15 ASP A N   1 
ATOM 102 C CA  . ASP A 1 15 ? -1.673  -16.836 -6.885  1.00 10.00 ? 15 ASP A CA  1 
ATOM 103 C C   . ASP A 1 15 ? -1.186  -15.689 -7.780  1.00 10.00 ? 15 ASP A C   1 
ATOM 104 O O   . ASP A 1 15 ? -0.462  -14.830 -7.273  1.00 10.00 ? 15 ASP A O   1 
ATOM 105 C CB  . ASP A 1 15 ? -0.651  -17.960 -6.753  1.00 10.00 ? 15 ASP A CB  1 
ATOM 106 C CG  . ASP A 1 15 ? -0.767  -18.767 -5.469  1.00 10.00 ? 15 ASP A CG  1 
ATOM 107 O OD1 . ASP A 1 15 ? -0.104  -18.172 -4.427  1.00 10.00 ? 15 ASP A OD1 1 
ATOM 108 O OD2 . ASP A 1 15 ? -1.389  -19.825 -5.387  1.00 10.00 ? 15 ASP A OD2 1 
ATOM 109 N N   . SER A 1 16 ? -1.619  -15.617 -9.054  1.00 10.00 ? 16 SER A N   1 
ATOM 110 C CA  . SER A 1 16 ? -1.551  -14.368 -9.838  1.00 10.00 ? 16 SER A CA  1 
ATOM 111 C C   . SER A 1 16 ? -2.362  -13.161 -9.325  1.00 10.00 ? 16 SER A C   1 
ATOM 112 O O   . SER A 1 16 ? -1.840  -12.045 -9.371  1.00 10.00 ? 16 SER A O   1 
ATOM 113 C CB  . SER A 1 16 ? -1.773  -14.619 -11.330 1.00 10.00 ? 16 SER A CB  1 
ATOM 114 O OG  . SER A 1 16 ? -0.733  -15.418 -11.880 1.00 10.00 ? 16 SER A OG  1 
ATOM 115 N N   . LEU A 1 17 ? -3.577  -13.380 -8.793  1.00 10.00 ? 17 LEU A N   1 
ATOM 116 C CA  . LEU A 1 17 ? -4.287  -12.382 -7.970  1.00 10.00 ? 17 LEU A CA  1 
ATOM 117 C C   . LEU A 1 17 ? -3.673  -11.986 -6.613  1.00 10.00 ? 17 LEU A C   1 
ATOM 118 O O   . LEU A 1 17 ? -3.828  -10.826 -6.228  1.00 10.00 ? 17 LEU A O   1 
ATOM 119 C CB  . LEU A 1 17 ? -5.765  -12.741 -7.807  1.00 10.00 ? 17 LEU A CB  1 
ATOM 120 C CG  . LEU A 1 17 ? -6.655  -12.465 -9.015  1.00 10.00 ? 17 LEU A CG  1 
ATOM 121 C CD1 . LEU A 1 17 ? -7.964  -13.245 -8.868  1.00 10.00 ? 17 LEU A CD1 1 
ATOM 122 C CD2 . LEU A 1 17 ? -6.971  -10.975 -9.160  1.00 10.00 ? 17 LEU A CD2 1 
ATOM 123 N N   . LYS A 1 18 ? -2.964  -12.893 -5.918  1.00 10.00 ? 18 LYS A N   1 
ATOM 124 C CA  . LYS A 1 18 ? -2.122  -12.544 -4.758  1.00 10.00 ? 18 LYS A CA  1 
ATOM 125 C C   . LYS A 1 18 ? -0.898  -11.662 -5.070  1.00 10.00 ? 18 LYS A C   1 
ATOM 126 O O   . LYS A 1 18 ? -0.745  -10.635 -4.410  1.00 10.00 ? 18 LYS A O   1 
ATOM 127 C CB  . LYS A 1 18 ? -1.793  -13.823 -3.992  1.00 10.00 ? 18 LYS A CB  1 
ATOM 128 C CG  . LYS A 1 18 ? -1.183  -13.609 -2.610  1.00 10.00 ? 18 LYS A CG  1 
ATOM 129 C CD  . LYS A 1 18 ? -0.628  -14.929 -2.080  1.00 10.00 ? 18 LYS A CD  1 
ATOM 130 C CE  . LYS A 1 18 ? 0.165   -14.695 -0.796  1.00 10.00 ? 18 LYS A CE  1 
ATOM 131 N NZ  . LYS A 1 18 ? 0.765   -15.964 -0.357  1.00 10.00 ? 18 LYS A NZ  1 
ATOM 132 N N   . THR A 1 19 ? -0.074  -12.034 -6.064  1.00 10.00 ? 19 THR A N   1 
ATOM 133 C CA  . THR A 1 19 ? 1.044   -11.197 -6.550  1.00 10.00 ? 19 THR A CA  1 
ATOM 134 C C   . THR A 1 19 ? 0.651   -9.814  -7.105  1.00 10.00 ? 19 THR A C   1 
ATOM 135 O O   . THR A 1 19 ? 1.266   -8.827  -6.697  1.00 10.00 ? 19 THR A O   1 
ATOM 136 C CB  . THR A 1 19 ? 2.008   -11.995 -7.444  1.00 10.00 ? 19 THR A CB  1 
ATOM 137 O OG1 . THR A 1 19 ? 2.359   -13.248 -6.864  1.00 10.00 ? 19 THR A OG1 1 
ATOM 138 C CG2 . THR A 1 19 ? 3.309   -11.275 -7.785  1.00 10.00 ? 19 THR A CG2 1 
ATOM 139 N N   . GLN A 1 20 ? -0.371  -9.741  -7.972  1.00 10.00 ? 20 GLN A N   1 
ATOM 140 C CA  . GLN A 1 20 ? -0.924  -8.458  -8.434  1.00 10.00 ? 20 GLN A CA  1 
ATOM 141 C C   . GLN A 1 20 ? -1.682  -7.572  -7.439  1.00 10.00 ? 20 GLN A C   1 
ATOM 142 O O   . GLN A 1 20 ? -1.570  -6.351  -7.552  1.00 10.00 ? 20 GLN A O   1 
ATOM 143 C CB  . GLN A 1 20 ? -1.553  -8.497  -9.817  1.00 10.00 ? 20 GLN A CB  1 
ATOM 144 C CG  . GLN A 1 20 ? -0.726  -9.045  -10.972 1.00 10.00 ? 20 GLN A CG  1 
ATOM 145 C CD  . GLN A 1 20 ? 0.579   -8.345  -11.278 1.00 10.00 ? 20 GLN A CD  1 
ATOM 146 O OE1 . GLN A 1 20 ? 1.600   -8.580  -10.638 1.00 10.00 ? 20 GLN A OE1 1 
ATOM 147 N NE2 . GLN A 1 20 ? 0.587   -7.496  -12.293 1.00 10.00 ? 20 GLN A NE2 1 
ATOM 148 N N   . ALA A 1 21 ? -2.378  -8.151  -6.441  1.00 10.00 ? 21 ALA A N   1 
ATOM 149 C CA  . ALA A 1 21 ? -2.793  -7.416  -5.233  1.00 10.00 ? 21 ALA A CA  1 
ATOM 150 C C   . ALA A 1 21 ? -1.701  -6.849  -4.314  1.00 10.00 ? 21 ALA A C   1 
ATOM 151 O O   . ALA A 1 21 ? -1.858  -5.715  -3.860  1.00 10.00 ? 21 ALA A O   1 
ATOM 152 C CB  . ALA A 1 21 ? -3.873  -8.167  -4.465  1.00 10.00 ? 21 ALA A CB  1 
ATOM 153 N N   . ILE A 1 22 ? -0.593  -7.582  -4.104  1.00 10.00 ? 22 ILE A N   1 
ATOM 154 C CA  . ILE A 1 22 ? 0.654   -7.028  -3.524  1.00 10.00 ? 22 ILE A CA  1 
ATOM 155 C C   . ILE A 1 22 ? 1.298   -5.868  -4.326  1.00 10.00 ? 22 ILE A C   1 
ATOM 156 O O   . ILE A 1 22 ? 1.744   -4.913  -3.690  1.00 10.00 ? 22 ILE A O   1 
ATOM 157 C CB  . ILE A 1 22 ? 1.636   -8.111  -3.039  1.00 10.00 ? 22 ILE A CB  1 
ATOM 158 C CG1 . ILE A 1 22 ? 1.007   -9.149  -2.097  1.00 10.00 ? 22 ILE A CG1 1 
ATOM 159 C CG2 . ILE A 1 22 ? 2.889   -7.553  -2.340  1.00 10.00 ? 22 ILE A CG2 1 
ATOM 160 C CD1 . ILE A 1 22 ? 1.753   -10.482 -2.088  1.00 10.00 ? 22 ILE A CD1 1 
ATOM 161 N N   . ASP A 1 23 ? 1.309   -5.922  -5.668  1.00 10.00 ? 23 ASP A N   1 
ATOM 162 C CA  . ASP A 1 23 ? 1.652   -4.762  -6.516  1.00 10.00 ? 23 ASP A CA  1 
ATOM 163 C C   . ASP A 1 23 ? 0.749   -3.519  -6.404  1.00 10.00 ? 23 ASP A C   1 
ATOM 164 O O   . ASP A 1 23 ? 1.291   -2.422  -6.262  1.00 10.00 ? 23 ASP A O   1 
ATOM 165 C CB  . ASP A 1 23 ? 1.882   -5.137  -7.980  1.00 10.00 ? 23 ASP A CB  1 
ATOM 166 C CG  . ASP A 1 23 ? 3.109   -5.983  -8.260  1.00 10.00 ? 23 ASP A CG  1 
ATOM 167 O OD1 . ASP A 1 23 ? 4.256   -5.233  -8.280  1.00 10.00 ? 23 ASP A OD1 1 
ATOM 168 O OD2 . ASP A 1 23 ? 3.065   -7.197  -8.450  1.00 10.00 ? 23 ASP A OD2 1 
ATOM 169 N N   . LEU A 1 24 ? -0.584  -3.687  -6.409  1.00 10.00 ? 24 LEU A N   1 
ATOM 170 C CA  . LEU A 1 24 ? -1.545  -2.595  -6.141  1.00 10.00 ? 24 LEU A CA  1 
ATOM 171 C C   . LEU A 1 24 ? -1.443  -1.899  -4.765  1.00 10.00 ? 24 LEU A C   1 
ATOM 172 O O   . LEU A 1 24 ? -1.411  -0.667  -4.721  1.00 10.00 ? 24 LEU A O   1 
ATOM 173 C CB  . LEU A 1 24 ? -2.999  -2.968  -6.428  1.00 10.00 ? 24 LEU A CB  1 
ATOM 174 C CG  . LEU A 1 24 ? -3.355  -3.678  -7.724  1.00 10.00 ? 24 LEU A CG  1 
ATOM 175 C CD1 . LEU A 1 24 ? -4.837  -4.058  -7.709  1.00 10.00 ? 24 LEU A CD1 1 
ATOM 176 C CD2 . LEU A 1 24 ? -3.034  -2.888  -8.984  1.00 10.00 ? 24 LEU A CD2 1 
ATOM 177 N N   . ILE A 1 25 ? -1.328  -2.683  -3.679  1.00 10.00 ? 25 ILE A N   1 
ATOM 178 C CA  . ILE A 1 25 ? -0.873  -2.188  -2.363  1.00 10.00 ? 25 ILE A CA  1 
ATOM 179 C C   . ILE A 1 25 ? 0.519   -1.548  -2.241  1.00 10.00 ? 25 ILE A C   1 
ATOM 180 O O   . ILE A 1 25 ? 0.673   -0.615  -1.450  1.00 10.00 ? 25 ILE A O   1 
ATOM 181 C CB  . ILE A 1 25 ? -1.291  -3.039  -1.167  1.00 10.00 ? 25 ILE A CB  1 
ATOM 182 C CG1 . ILE A 1 25 ? -0.726  -4.452  -1.157  1.00 10.00 ? 25 ILE A CG1 1 
ATOM 183 C CG2 . ILE A 1 25 ? -2.792  -2.957  -0.895  1.00 10.00 ? 25 ILE A CG2 1 
ATOM 184 C CD1 . ILE A 1 25 ? -0.845  -5.196  0.164   1.00 10.00 ? 25 ILE A CD1 1 
ATOM 185 N N   . SER A 1 26 ? 1.498   -1.994  -3.047  1.00 10.00 ? 26 SER A N   1 
ATOM 186 C CA  . SER A 1 26 ? 2.747   -1.253  -3.289  1.00 10.00 ? 26 SER A CA  1 
ATOM 187 C C   . SER A 1 26 ? 2.665   0.116   -3.990  1.00 10.00 ? 26 SER A C   1 
ATOM 188 O O   . SER A 1 26 ? 3.508   0.962   -3.695  1.00 10.00 ? 26 SER A O   1 
ATOM 189 C CB  . SER A 1 26 ? 3.817   -2.139  -3.933  1.00 10.00 ? 26 SER A CB  1 
ATOM 190 O OG  . SER A 1 26 ? 4.214   -3.191  -3.062  1.00 10.00 ? 26 SER A OG  1 
ATOM 191 N N   . GLN A 1 27 ? 1.658   0.368   -4.843  1.00 10.00 ? 27 GLN A N   1 
ATOM 192 C CA  . GLN A 1 27 ? 1.240   1.745   -5.170  1.00 10.00 ? 27 GLN A CA  1 
ATOM 193 C C   . GLN A 1 27 ? 0.533   2.551   -4.057  1.00 10.00 ? 27 GLN A C   1 
ATOM 194 O O   . GLN A 1 27 ? 0.728   3.766   -4.010  1.00 10.00 ? 27 GLN A O   1 
ATOM 195 C CB  . GLN A 1 27 ? 0.468   1.883   -6.476  1.00 10.00 ? 27 GLN A CB  1 
ATOM 196 C CG  . GLN A 1 27 ? 1.221   1.657   -7.775  1.00 10.00 ? 27 GLN A CG  1 
ATOM 197 C CD  . GLN A 1 27 ? 1.395   0.205   -8.174  1.00 10.00 ? 27 GLN A CD  1 
ATOM 198 O OE1 . GLN A 1 27 ? 0.431   -0.545  -8.330  1.00 10.00 ? 27 GLN A OE1 1 
ATOM 199 N NE2 . GLN A 1 27 ? 2.633   -0.214  -8.352  1.00 10.00 ? 27 GLN A NE2 1 
ATOM 200 N N   . THR A 1 28 ? -0.236  1.896   -3.169  1.00 10.00 ? 28 THR A N   1 
ATOM 201 C CA  . THR A 1 28 ? -0.760  2.521   -1.940  1.00 10.00 ? 28 THR A CA  1 
ATOM 202 C C   . THR A 1 28 ? 0.245   3.053   -0.898  1.00 10.00 ? 28 THR A C   1 
ATOM 203 O O   . THR A 1 28 ? 0.000   4.131   -0.346  1.00 10.00 ? 28 THR A O   1 
ATOM 204 C CB  . THR A 1 28 ? -1.945  1.797   -1.273  1.00 10.00 ? 28 THR A CB  1 
ATOM 205 O OG1 . THR A 1 28 ? -2.536  0.762   -2.054  1.00 10.00 ? 28 THR A OG1 1 
ATOM 206 C CG2 . THR A 1 28 ? -3.038  2.791   -0.879  1.00 10.00 ? 28 THR A CG2 1 
ATOM 207 N N   . TRP A 1 29 ? 1.353   2.330   -0.644  1.00 10.00 ? 29 TRP A N   1 
ATOM 208 C CA  . TRP A 1 29 ? 2.384   2.758   0.317   1.00 10.00 ? 29 TRP A CA  1 
ATOM 209 C C   . TRP A 1 29 ? 3.079   4.094   0.049   1.00 10.00 ? 29 TRP A C   1 
ATOM 210 O O   . TRP A 1 29 ? 2.917   4.951   0.915   1.00 10.00 ? 29 TRP A O   1 
ATOM 211 C CB  . TRP A 1 29 ? 3.275   1.675   0.904   1.00 10.00 ? 29 TRP A CB  1 
ATOM 212 C CG  . TRP A 1 29 ? 2.538   0.510   1.595   1.00 10.00 ? 29 TRP A CG  1 
ATOM 213 C CD1 . TRP A 1 29 ? 1.632   0.602   2.689   1.00 10.00 ? 29 TRP A CD1 1 
ATOM 214 C CD2 . TRP A 1 29 ? 2.570   -0.838  1.264   1.00 10.00 ? 29 TRP A CD2 1 
ATOM 215 N NE1 . TRP A 1 29 ? 1.083   -0.653  3.027   1.00 10.00 ? 29 TRP A NE1 1 
ATOM 216 C CE2 . TRP A 1 29 ? 1.676   -1.523  2.130   1.00 10.00 ? 29 TRP A CE2 1 
ATOM 217 C CE3 . TRP A 1 29 ? 3.292   -1.552  0.276   1.00 10.00 ? 29 TRP A CE3 1 
ATOM 218 C CZ2 . TRP A 1 29 ? 1.504   -2.919  2.004   1.00 10.00 ? 29 TRP A CZ2 1 
ATOM 219 C CZ3 . TRP A 1 29 ? 3.104   -2.924  0.176   1.00 10.00 ? 29 TRP A CZ3 1 
ATOM 220 C CH2 . TRP A 1 29 ? 2.225   -3.598  1.030   1.00 10.00 ? 29 TRP A CH2 1 
ATOM 221 N N   . PRO A 1 30 ? 3.747   4.365   -1.096  1.00 10.00 ? 30 PRO A N   1 
ATOM 222 C CA  . PRO A 1 30 ? 4.178   5.725   -1.510  1.00 10.00 ? 30 PRO A CA  1 
ATOM 223 C C   . PRO A 1 30 ? 3.179   6.893   -1.593  1.00 10.00 ? 30 PRO A C   1 
ATOM 224 O O   . PRO A 1 30 ? 3.604   8.038   -1.426  1.00 10.00 ? 30 PRO A O   1 
ATOM 225 C CB  . PRO A 1 30 ? 4.879   5.476   -2.865  1.00 10.00 ? 30 PRO A CB  1 
ATOM 226 C CG  . PRO A 1 30 ? 5.422   4.032   -2.707  1.00 10.00 ? 30 PRO A CG  1 
ATOM 227 C CD  . PRO A 1 30 ? 4.227   3.327   -2.025  1.00 10.00 ? 30 PRO A CD  1 
ATOM 228 N N   . VAL A 1 31 ? 1.882   6.624   -1.807  1.00 10.00 ? 31 VAL A N   1 
ATOM 229 C CA  . VAL A 1 31 ? 0.813   7.642   -1.685  1.00 10.00 ? 31 VAL A CA  1 
ATOM 230 C C   . VAL A 1 31 ? 0.547   8.095   -0.234  1.00 10.00 ? 31 VAL A C   1 
ATOM 231 O O   . VAL A 1 31 ? 0.563   9.304   0.010   1.00 10.00 ? 31 VAL A O   1 
ATOM 232 C CB  . VAL A 1 31 ? -0.426  7.322   -2.529  1.00 10.00 ? 31 VAL A CB  1 
ATOM 233 C CG1 . VAL A 1 31 ? -1.538  8.378   -2.481  1.00 10.00 ? 31 VAL A CG1 1 
ATOM 234 C CG2 . VAL A 1 31 ? -0.139  7.084   -4.018  1.00 10.00 ? 31 VAL A CG2 1 
ATOM 235 N N   . VAL A 1 32 ? 0.363   7.157   0.713   1.00 10.00 ? 32 VAL A N   1 
ATOM 236 C CA  . VAL A 1 32 ? 0.391   7.479   2.160   1.00 10.00 ? 32 VAL A CA  1 
ATOM 237 C C   . VAL A 1 32 ? 1.726   7.983   2.746   1.00 10.00 ? 32 VAL A C   1 
ATOM 238 O O   . VAL A 1 32 ? 1.682   8.800   3.668   1.00 10.00 ? 32 VAL A O   1 
ATOM 239 C CB  . VAL A 1 32 ? -0.449  6.509   2.987   1.00 10.00 ? 32 VAL A CB  1 
ATOM 240 C CG1 . VAL A 1 32 ? -0.422  6.673   4.508   1.00 10.00 ? 32 VAL A CG1 1 
ATOM 241 C CG2 . VAL A 1 32 ? -1.934  6.509   2.585   1.00 10.00 ? 32 VAL A CG2 1 
ATOM 242 N N   . THR A 1 33 ? 2.885   7.579   2.196   1.00 10.00 ? 33 THR A N   1 
ATOM 243 C CA  . THR A 1 33 ? 4.173   8.256   2.439   1.00 10.00 ? 33 THR A CA  1 
ATOM 244 C C   . THR A 1 33 ? 4.271   9.741   2.048   1.00 10.00 ? 33 THR A C   1 
ATOM 245 O O   . THR A 1 33 ? 4.791   10.514  2.850   1.00 10.00 ? 33 THR A O   1 
ATOM 246 C CB  . THR A 1 33 ? 5.427   7.480   2.038   1.00 10.00 ? 33 THR A CB  1 
ATOM 247 O OG1 . THR A 1 33 ? 5.632   7.443   0.632   1.00 10.00 ? 33 THR A OG1 1 
ATOM 248 C CG2 . THR A 1 33 ? 5.601   6.084   2.607   1.00 10.00 ? 33 THR A CG2 1 
ATOM 249 N N   . THR A 1 34 ? 3.748   10.130  0.873   1.00 10.00 ? 34 THR A N   1 
ATOM 250 C CA  . THR A 1 34 ? 3.505   11.543  0.528   1.00 10.00 ? 34 THR A CA  1 
ATOM 251 C C   . THR A 1 34 ? 2.487   12.343  1.358   1.00 10.00 ? 34 THR A C   1 
ATOM 252 O O   . THR A 1 34 ? 2.745   13.517  1.629   1.00 10.00 ? 34 THR A O   1 
ATOM 253 C CB  . THR A 1 34 ? 3.434   11.843  -0.966  1.00 10.00 ? 34 THR A CB  1 
ATOM 254 O OG1 . THR A 1 34 ? 2.403   11.105  -1.617  1.00 10.00 ? 34 THR A OG1 1 
ATOM 255 C CG2 . THR A 1 34 ? 4.757   11.674  -1.707  1.00 10.00 ? 34 THR A CG2 1 
ATOM 256 N N   . VAL A 1 35 ? 1.393   11.713  1.824   1.00 10.00 ? 35 VAL A N   1 
ATOM 257 C CA  . VAL A 1 35 ? 0.539   12.266  2.906   1.00 10.00 ? 35 VAL A CA  1 
ATOM 258 C C   . VAL A 1 35 ? 1.269   12.542  4.246   1.00 10.00 ? 35 VAL A C   1 
ATOM 259 O O   . VAL A 1 35 ? 1.064   13.614  4.815   1.00 10.00 ? 35 VAL A O   1 
ATOM 260 C CB  . VAL A 1 35 ? -0.801  11.528  3.015   1.00 10.00 ? 35 VAL A CB  1 
ATOM 261 C CG1 . VAL A 1 35 ? -1.754  12.028  4.107   1.00 10.00 ? 35 VAL A CG1 1 
ATOM 262 C CG2 . VAL A 1 35 ? -1.622  11.514  1.715   1.00 10.00 ? 35 VAL A CG2 1 
ATOM 263 N N   . VAL A 1 36 ? 2.141   11.626  4.697   1.00 10.00 ? 36 VAL A N   1 
ATOM 264 C CA  . VAL A 1 36 ? 3.114   11.887  5.784   1.00 10.00 ? 36 VAL A CA  1 
ATOM 265 C C   . VAL A 1 36 ? 4.231   12.920  5.479   1.00 10.00 ? 36 VAL A C   1 
ATOM 266 O O   . VAL A 1 36 ? 4.719   13.539  6.423   1.00 10.00 ? 36 VAL A O   1 
ATOM 267 C CB  . VAL A 1 36 ? 3.582   10.589  6.455   1.00 10.00 ? 36 VAL A CB  1 
ATOM 268 C CG1 . VAL A 1 36 ? 4.477   10.758  7.688   1.00 10.00 ? 36 VAL A CG1 1 
ATOM 269 C CG2 . VAL A 1 36 ? 2.443   9.662   6.907   1.00 10.00 ? 36 VAL A CG2 1 
ATOM 270 N N   . VAL A 1 37 ? 4.606   13.153  4.208   1.00 10.00 ? 37 VAL A N   1 
ATOM 271 C CA  . VAL A 1 37 ? 5.416   14.323  3.797   1.00 10.00 ? 37 VAL A CA  1 
ATOM 272 C C   . VAL A 1 37 ? 4.721   15.690  4.009   1.00 10.00 ? 37 VAL A C   1 
ATOM 273 O O   . VAL A 1 37 ? 5.365   16.583  4.564   1.00 10.00 ? 37 VAL A O   1 
ATOM 274 C CB  . VAL A 1 37 ? 6.105   14.152  2.436   1.00 10.00 ? 37 VAL A CB  1 
ATOM 275 C CG1 . VAL A 1 37 ? 7.051   15.297  2.049   1.00 10.00 ? 37 VAL A CG1 1 
ATOM 276 C CG2 . VAL A 1 37 ? 6.928   12.867  2.281   1.00 10.00 ? 37 VAL A CG2 1 
ATOM 277 N N   . ALA A 1 38 ? 3.434   15.837  3.644   1.00 10.00 ? 38 ALA A N   1 
ATOM 278 C CA  . ALA A 1 38 ? 2.607   16.957  4.126   1.00 10.00 ? 38 ALA A CA  1 
ATOM 279 C C   . ALA A 1 38 ? 2.379   17.118  5.636   1.00 10.00 ? 38 ALA A C   1 
ATOM 280 O O   . ALA A 1 38 ? 2.436   18.249  6.120   1.00 10.00 ? 38 ALA A O   1 
ATOM 281 C CB  . ALA A 1 38 ? 1.322   17.074  3.319   1.00 10.00 ? 38 ALA A CB  1 
ATOM 282 N N   . GLY A 1 39 ? 2.170   16.016  6.377   1.00 10.00 ? 39 GLY A N   1 
ATOM 283 C CA  . GLY A 1 39 ? 2.119   16.038  7.847   1.00 10.00 ? 39 GLY A CA  1 
ATOM 284 C C   . GLY A 1 39 ? 3.381   16.439  8.616   1.00 10.00 ? 39 GLY A C   1 
ATOM 285 O O   . GLY A 1 39 ? 3.289   17.280  9.510   1.00 10.00 ? 39 GLY A O   1 
ATOM 286 N N   . LEU A 1 40 ? 4.529   15.847  8.273   1.00 10.00 ? 40 LEU A N   1 
ATOM 287 C CA  . LEU A 1 40 ? 5.833   16.232  8.843   1.00 10.00 ? 40 LEU A CA  1 
ATOM 288 C C   . LEU A 1 40 ? 6.440   17.574  8.405   1.00 10.00 ? 40 LEU A C   1 
ATOM 289 O O   . LEU A 1 40 ? 6.993   18.260  9.267   1.00 10.00 ? 40 LEU A O   1 
ATOM 290 C CB  . LEU A 1 40 ? 6.856   15.102  8.761   1.00 10.00 ? 40 LEU A CB  1 
ATOM 291 C CG  . LEU A 1 40 ? 6.586   13.870  9.622   1.00 10.00 ? 40 LEU A CG  1 
ATOM 292 C CD1 . LEU A 1 40 ? 7.499   12.724  9.179   1.00 10.00 ? 40 LEU A CD1 1 
ATOM 293 C CD2 . LEU A 1 40 ? 6.800   14.142  11.110  1.00 10.00 ? 40 LEU A CD2 1 
ATOM 294 N N   . VAL A 1 41 ? 6.331   17.959  7.121   1.00 10.00 ? 41 VAL A N   1 
ATOM 295 C CA  . VAL A 1 41 ? 6.776   19.288  6.642   1.00 10.00 ? 41 VAL A CA  1 
ATOM 296 C C   . VAL A 1 41 ? 5.893   20.464  7.109   1.00 10.00 ? 41 VAL A C   1 
ATOM 297 O O   . VAL A 1 41 ? 6.444   21.409  7.676   1.00 10.00 ? 41 VAL A O   1 
ATOM 298 C CB  . VAL A 1 41 ? 7.215   19.304  5.176   1.00 10.00 ? 41 VAL A CB  1 
ATOM 299 C CG1 . VAL A 1 41 ? 7.755   20.647  4.668   1.00 10.00 ? 41 VAL A CG1 1 
ATOM 300 C CG2 . VAL A 1 41 ? 8.275   18.259  4.807   1.00 10.00 ? 41 VAL A CG2 1 
ATOM 301 N N   . ILE A 1 42 ? 4.562   20.387  6.920   1.00 10.00 ? 42 ILE A N   1 
ATOM 302 C CA  . ILE A 1 42 ? 3.600   21.340  7.530   1.00 10.00 ? 42 ILE A CA  1 
ATOM 303 C C   . ILE A 1 42 ? 3.622   21.446  9.063   1.00 10.00 ? 42 ILE A C   1 
ATOM 304 O O   . ILE A 1 42 ? 3.628   22.572  9.561   1.00 10.00 ? 42 ILE A O   1 
ATOM 305 C CB  . ILE A 1 42 ? 2.235   21.302  6.839   1.00 10.00 ? 42 ILE A CB  1 
ATOM 306 C CG1 . ILE A 1 42 ? 2.302   21.803  5.389   1.00 10.00 ? 42 ILE A CG1 1 
ATOM 307 C CG2 . ILE A 1 42 ? 1.075   21.993  7.559   1.00 10.00 ? 42 ILE A CG2 1 
ATOM 308 C CD1 . ILE A 1 42 ? 1.219   21.195  4.504   1.00 10.00 ? 42 ILE A CD1 1 
ATOM 309 N N   . ARG A 1 43 ? 3.653   20.320  9.794   1.00 10.00 ? 43 ARG A N   1 
ATOM 310 C CA  . ARG A 1 43 ? 3.854   20.342  11.253  1.00 10.00 ? 43 ARG A CA  1 
ATOM 311 C C   . ARG A 1 43 ? 5.194   20.788  11.835  1.00 10.00 ? 43 ARG A C   1 
ATOM 312 O O   . ARG A 1 43 ? 5.196   21.364  12.925  1.00 10.00 ? 43 ARG A O   1 
ATOM 313 C CB  . ARG A 1 43 ? 3.170   19.224  12.024  1.00 10.00 ? 43 ARG A CB  1 
ATOM 314 C CG  . ARG A 1 43 ? 1.654   19.168  11.891  1.00 10.00 ? 43 ARG A CG  1 
ATOM 315 C CD  . ARG A 1 43 ? 0.938   20.370  12.500  1.00 10.00 ? 43 ARG A CD  1 
ATOM 316 N NE  . ARG A 1 43 ? -0.475  20.320  12.095  1.00 10.00 ? 43 ARG A NE  1 
ATOM 317 C CZ  . ARG A 1 43 ? -1.454  20.999  12.702  1.00 10.00 ? 43 ARG A CZ  1 
ATOM 318 N NH1 . ARG A 1 43 ? -1.266  21.827  13.729  1.00 10.00 ? 43 ARG A NH1 1 
ATOM 319 N NH2 . ARG A 1 43 ? -2.685  20.828  12.254  1.00 10.00 ? 43 ARG A NH2 1 
ATOM 320 N N   . LEU A 1 44 ? 6.303   20.608  11.101  1.00 10.00 ? 44 LEU A N   1 
ATOM 321 C CA  . LEU A 1 44 ? 7.538   21.371  11.346  1.00 10.00 ? 44 LEU A CA  1 
ATOM 322 C C   . LEU A 1 44 ? 7.499   22.887  11.111  1.00 10.00 ? 44 LEU A C   1 
ATOM 323 O O   . LEU A 1 44 ? 8.067   23.605  11.933  1.00 10.00 ? 44 LEU A O   1 
ATOM 324 C CB  . LEU A 1 44 ? 8.793   20.715  10.790  1.00 10.00 ? 44 LEU A CB  1 
ATOM 325 C CG  . LEU A 1 44 ? 9.221   19.400  11.438  1.00 10.00 ? 44 LEU A CG  1 
ATOM 326 C CD1 . LEU A 1 44 ? 10.311  18.744  10.586  1.00 10.00 ? 44 LEU A CD1 1 
ATOM 327 C CD2 . LEU A 1 44 ? 9.726   19.573  12.869  1.00 10.00 ? 44 LEU A CD2 1 
ATOM 328 N N   . PHE A 1 45 ? 6.784   23.379  10.081  1.00 10.00 ? 45 PHE A N   1 
ATOM 329 C CA  . PHE A 1 45 ? 6.356   24.792  10.007  1.00 10.00 ? 45 PHE A CA  1 
ATOM 330 C C   . PHE A 1 45 ? 5.506   25.354  11.159  1.00 10.00 ? 45 PHE A C   1 
ATOM 331 O O   . PHE A 1 45 ? 5.818   26.447  11.638  1.00 10.00 ? 45 PHE A O   1 
ATOM 332 C CB  . PHE A 1 45 ? 5.739   25.162  8.659   1.00 10.00 ? 45 PHE A CB  1 
ATOM 333 C CG  . PHE A 1 45 ? 6.729   25.470  7.562   1.00 10.00 ? 45 PHE A CG  1 
ATOM 334 C CD1 . PHE A 1 45 ? 7.453   26.662  7.570   1.00 10.00 ? 45 PHE A CD1 1 
ATOM 335 C CD2 . PHE A 1 45 ? 6.917   24.558  6.528   1.00 10.00 ? 45 PHE A CD2 1 
ATOM 336 C CE1 . PHE A 1 45 ? 8.376   26.924  6.566   1.00 10.00 ? 45 PHE A CE1 1 
ATOM 337 C CE2 . PHE A 1 45 ? 7.839   24.820  5.522   1.00 10.00 ? 45 PHE A CE2 1 
ATOM 338 C CZ  . PHE A 1 45 ? 8.572   26.002  5.545   1.00 10.00 ? 45 PHE A CZ  1 
ATOM 339 N N   . LYS A 1 46 ? 4.504   24.602  11.643  1.00 10.00 ? 46 LYS A N   1 
ATOM 340 C CA  . LYS A 1 46 ? 3.864   24.869  12.947  1.00 10.00 ? 46 LYS A CA  1 
ATOM 341 C C   . LYS A 1 46 ? 4.767   24.895  14.197  1.00 10.00 ? 46 LYS A C   1 
ATOM 342 O O   . LYS A 1 46 ? 4.535   25.736  15.067  1.00 10.00 ? 46 LYS A O   1 
ATOM 343 C CB  . LYS A 1 46 ? 2.629   24.004  13.183  1.00 10.00 ? 46 LYS A CB  1 
ATOM 344 C CG  . LYS A 1 46 ? 1.419   24.264  12.295  1.00 10.00 ? 46 LYS A CG  1 
ATOM 345 C CD  . LYS A 1 46 ? 0.765   25.620  12.545  1.00 10.00 ? 46 LYS A CD  1 
ATOM 346 C CE  . LYS A 1 46 ? -0.471  25.861  11.681  1.00 10.00 ? 46 LYS A CE  1 
ATOM 347 N NZ  . LYS A 1 46 ? -1.661  25.171  12.212  1.00 10.00 ? 46 LYS A NZ  1 
ATOM 348 N N   . LYS A 1 47 ? 5.814   24.053  14.251  1.00 10.00 ? 47 LYS A N   1 
ATOM 349 C CA  . LYS A 1 47 ? 6.934   24.220  15.194  1.00 10.00 ? 47 LYS A CA  1 
ATOM 350 C C   . LYS A 1 47 ? 7.783   25.506  15.064  1.00 10.00 ? 47 LYS A C   1 
ATOM 351 O O   . LYS A 1 47 ? 8.165   26.050  16.098  1.00 10.00 ? 47 LYS A O   1 
ATOM 352 C CB  . LYS A 1 47 ? 7.842   22.996  15.326  1.00 10.00 ? 47 LYS A CB  1 
ATOM 353 C CG  . LYS A 1 47 ? 7.222   21.627  15.531  1.00 10.00 ? 47 LYS A CG  1 
ATOM 354 C CD  . LYS A 1 47 ? 6.363   21.472  16.781  1.00 10.00 ? 47 LYS A CD  1 
ATOM 355 C CE  . LYS A 1 47 ? 5.655   20.117  16.744  1.00 10.00 ? 47 LYS A CE  1 
ATOM 356 N NZ  . LYS A 1 47 ? 4.765   19.995  17.907  1.00 10.00 ? 47 LYS A NZ  1 
ATOM 357 N N   . PHE A 1 48 ? 8.021   26.017  13.842  1.00 10.00 ? 48 PHE A N   1 
ATOM 358 C CA  . PHE A 1 48 ? 8.542   27.380  13.607  1.00 10.00 ? 48 PHE A CA  1 
ATOM 359 C C   . PHE A 1 48 ? 7.725   28.539  14.223  1.00 10.00 ? 48 PHE A C   1 
ATOM 360 O O   . PHE A 1 48 ? 8.307   29.318  14.983  1.00 10.00 ? 48 PHE A O   1 
ATOM 361 C CB  . PHE A 1 48 ? 8.744   27.642  12.115  1.00 10.00 ? 48 PHE A CB  1 
ATOM 362 C CG  . PHE A 1 48 ? 9.980   27.119  11.431  1.00 10.00 ? 48 PHE A CG  1 
ATOM 363 C CD1 . PHE A 1 48 ? 10.133  25.763  11.137  1.00 10.00 ? 48 PHE A CD1 1 
ATOM 364 C CD2 . PHE A 1 48 ? 10.945  28.026  11.007  1.00 10.00 ? 48 PHE A CD2 1 
ATOM 365 C CE1 . PHE A 1 48 ? 11.244  25.320  10.431  1.00 10.00 ? 48 PHE A CE1 1 
ATOM 366 C CE2 . PHE A 1 48 ? 12.061  27.581  10.304  1.00 10.00 ? 48 PHE A CE2 1 
ATOM 367 C CZ  . PHE A 1 48 ? 12.210  26.229  10.017  1.00 10.00 ? 48 PHE A CZ  1 
ATOM 368 N N   . SER A 1 49 ? 6.407   28.621  13.941  1.00 10.00 ? 49 SER A N   1 
ATOM 369 C CA  . SER A 1 49 ? 5.519   29.615  14.569  1.00 10.00 ? 49 SER A CA  1 
ATOM 370 C C   . SER A 1 49 ? 5.312   29.522  16.084  1.00 10.00 ? 49 SER A C   1 
ATOM 371 O O   . SER A 1 49 ? 5.506   30.539  16.753  1.00 10.00 ? 49 SER A O   1 
ATOM 372 C CB  . SER A 1 49 ? 4.209   29.814  13.808  1.00 10.00 ? 49 SER A CB  1 
ATOM 373 O OG  . SER A 1 49 ? 4.436   30.375  12.521  1.00 10.00 ? 49 SER A OG  1 
ATOM 374 N N   . SER A 1 50 ? 4.983   28.334  16.618  1.00 10.00 ? 50 SER A N   1 
ATOM 375 C CA  . SER A 1 50 ? 4.940   28.087  18.073  1.00 10.00 ? 50 SER A CA  1 
ATOM 376 C C   . SER A 1 50 ? 6.222   28.331  18.889  1.00 10.00 ? 50 SER A C   1 
ATOM 377 O O   . SER A 1 50 ? 6.126   28.932  19.961  1.00 10.00 ? 50 SER A O   1 
ATOM 378 C CB  . SER A 1 50 ? 4.337   26.717  18.398  1.00 10.00 ? 50 SER A CB  1 
ATOM 379 O OG  . SER A 1 50 ? 2.977   26.635  17.984  1.00 10.00 ? 50 SER A OG  1 
ATOM 380 N N   . LYS A 1 51 ? 7.395   27.929  18.372  1.00 10.00 ? 51 LYS A N   1 
ATOM 381 C CA  . LYS A 1 51 ? 8.695   28.278  18.972  1.00 10.00 ? 51 LYS A CA  1 
ATOM 382 C C   . LYS A 1 51 ? 9.102   29.760  18.986  1.00 10.00 ? 51 LYS A C   1 
ATOM 383 O O   . LYS A 1 51 ? 9.611   30.212  20.013  1.00 10.00 ? 51 LYS A O   1 
ATOM 384 C CB  . LYS A 1 51 ? 9.845   27.372  18.558  1.00 10.00 ? 51 LYS A CB  1 
ATOM 385 C CG  . LYS A 1 51 ? 9.701   25.878  18.783  1.00 10.00 ? 51 LYS A CG  1 
ATOM 386 C CD  . LYS A 1 51 ? 9.489   25.451  20.230  1.00 10.00 ? 51 LYS A CD  1 
ATOM 387 C CE  . LYS A 1 51 ? 9.174   23.956  20.267  1.00 10.00 ? 51 LYS A CE  1 
ATOM 388 N NZ  . LYS A 1 51 ? 8.765   23.567  21.624  1.00 10.00 ? 51 LYS A NZ  1 
ATOM 389 N N   . ALA A 1 52 ? 8.829   30.518  17.907  1.00 10.00 ? 52 ALA A N   1 
ATOM 390 C CA  . ALA A 1 52 ? 8.838   31.992  17.956  1.00 10.00 ? 52 ALA A CA  1 
ATOM 391 C C   . ALA A 1 52 ? 7.792   32.743  18.804  1.00 10.00 ? 52 ALA A C   1 
ATOM 392 O O   . ALA A 1 52 ? 8.043   33.901  19.146  1.00 10.00 ? 52 ALA A O   1 
ATOM 393 C CB  . ALA A 1 52 ? 8.917   32.544  16.534  1.00 10.00 ? 52 ALA A CB  1 
ATOM 394 N N   . VAL A 1 53 ? 6.665   32.103  19.177  1.00 10.00 ? 53 VAL A N   1 
ATOM 395 C CA  . VAL A 1 53 ? 5.663   32.689  20.092  1.00 10.00 ? 53 VAL A CA  1 
ATOM 396 C C   . VAL A 1 53 ? 6.195   32.658  21.536  1.00 10.00 ? 53 VAL A C   1 
ATOM 397 O O   . VAL A 1 53 ? 6.506   33.744  22.071  1.00 10.00 ? 53 VAL A O   1 
ATOM 398 C CB  . VAL A 1 53 ? 4.293   32.024  19.899  1.00 10.00 ? 53 VAL A CB  1 
ATOM 399 C CG1 . VAL A 1 53 ? 3.216   32.372  20.930  1.00 10.00 ? 53 VAL A CG1 1 
ATOM 400 C CG2 . VAL A 1 53 ? 3.664   32.265  18.522  1.00 10.00 ? 53 VAL A CG2 1 
ATOM 401 O OXT . VAL A 1 53 ? 6.310   31.567  22.136  1.00 10.00 ? 53 VAL A OXT 1 
# 
